data_6P9J
#
_entry.id   6P9J
#
_cell.length_a   57.827
_cell.length_b   66.039
_cell.length_c   112.329
_cell.angle_alpha   90.00
_cell.angle_beta   96.41
_cell.angle_gamma   90.00
#
_symmetry.space_group_name_H-M   'P 1 21 1'
#
loop_
_entity.id
_entity.type
_entity.pdbx_description
1 polymer 'human anti staphylococcus aureus antibody STAU-229 Fab heavy chain'
2 polymer 'human anti staphylococcus aureus antibody STAU-229 Fab light chain'
3 non-polymer TRIS(HYDROXYETHYL)AMINOMETHANE
4 water water
#
loop_
_entity_poly.entity_id
_entity_poly.type
_entity_poly.pdbx_seq_one_letter_code
_entity_poly.pdbx_strand_id
1 'polypeptide(L)'
;EVQLVQSGAEVKKPGATMKISCKVSGYPFTDYYMHWVQQAPGKGLEWMGLIDPEDGETNYAEKFQGRVTITADTSTDTVY
MELSSLRSEDTAVYFCAKPHCSSRTCQRVSGYYFGMDVWGQGTLVTVSSASTKGPSVFPLAPSSKSTSGGTAALGCLVKD
YFPEPVTVSWNSGALTSGVHTFPAVLQSSGLYSLSSVVTVPSSSLGTQTYICNVNHKPSNTKVDKKVEPK
;
H,A
2 'polypeptide(L)'
;QSALTQPPSASGSPGQSVTISCTGSSNDVGDYNFVSWYQQHPGKPPKLMIYEVTKRPSGVPDRFFGSKSGNTASLTVSGL
QADDEADYYCSSYAGGNSVVFGGGTKLTVLGQPKAAPSVTLFPPSSEELQANKATLVCLISDFYPGAVTVAWKADSSPVK
AGVETTTPSKQSNNKYAASSYLSLTPEQWKSHRSYSCQVTHEGSTVEKTVAPTECS
;
L,B
#
# COMPACT_ATOMS: atom_id res chain seq x y z
N GLU A 1 17.60 -17.74 13.16
CA GLU A 1 16.97 -18.76 12.31
C GLU A 1 15.60 -19.17 12.83
N VAL A 2 15.35 -18.91 14.12
CA VAL A 2 14.08 -19.29 14.72
C VAL A 2 13.03 -18.23 14.38
N GLN A 3 11.97 -18.65 13.70
CA GLN A 3 10.87 -17.78 13.34
C GLN A 3 9.57 -18.34 13.88
N LEU A 4 8.75 -17.46 14.47
CA LEU A 4 7.41 -17.79 14.93
C LEU A 4 6.43 -16.97 14.10
N VAL A 5 5.64 -17.65 13.24
CA VAL A 5 4.74 -17.00 12.30
C VAL A 5 3.30 -17.24 12.76
N GLN A 6 2.61 -16.16 13.12
CA GLN A 6 1.25 -16.26 13.61
C GLN A 6 0.26 -15.98 12.48
N SER A 7 -0.95 -16.51 12.65
CA SER A 7 -2.01 -16.34 11.65
C SER A 7 -2.47 -14.89 11.61
N GLY A 8 -3.29 -14.57 10.61
CA GLY A 8 -3.65 -13.18 10.35
C GLY A 8 -4.71 -12.63 11.29
N ALA A 9 -4.96 -11.34 11.14
CA ALA A 9 -5.87 -10.63 12.03
C ALA A 9 -7.27 -11.22 11.96
N GLU A 10 -8.01 -11.07 13.06
CA GLU A 10 -9.35 -11.61 13.20
C GLU A 10 -10.29 -10.51 13.66
N VAL A 11 -11.51 -10.54 13.13
CA VAL A 11 -12.59 -9.71 13.63
C VAL A 11 -13.75 -10.62 13.95
N LYS A 12 -14.30 -10.48 15.15
CA LYS A 12 -15.19 -11.51 15.68
C LYS A 12 -16.34 -10.90 16.45
N LYS A 13 -17.53 -11.48 16.25
CA LYS A 13 -18.68 -11.10 17.04
C LYS A 13 -18.54 -11.64 18.45
N PRO A 14 -19.16 -10.97 19.44
CA PRO A 14 -19.23 -11.54 20.78
C PRO A 14 -19.91 -12.90 20.76
N GLY A 15 -19.52 -13.76 21.70
CA GLY A 15 -20.00 -15.12 21.76
C GLY A 15 -19.34 -16.06 20.77
N ALA A 16 -18.52 -15.55 19.85
CA ALA A 16 -17.87 -16.40 18.88
C ALA A 16 -16.66 -17.09 19.50
N THR A 17 -16.00 -17.92 18.71
CA THR A 17 -14.78 -18.59 19.11
C THR A 17 -13.72 -18.37 18.04
N MET A 18 -12.52 -18.06 18.48
CA MET A 18 -11.37 -17.87 17.62
C MET A 18 -10.40 -19.04 17.80
N LYS A 19 -9.63 -19.33 16.75
CA LYS A 19 -8.53 -20.30 16.83
C LYS A 19 -7.40 -19.79 15.95
N ILE A 20 -6.30 -19.36 16.57
CA ILE A 20 -5.16 -18.78 15.85
C ILE A 20 -3.97 -19.73 15.92
N SER A 21 -3.08 -19.59 14.93
CA SER A 21 -2.00 -20.54 14.71
C SER A 21 -0.64 -19.86 14.90
N CYS A 22 0.34 -20.67 15.26
CA CYS A 22 1.73 -20.24 15.46
C CYS A 22 2.62 -21.28 14.79
N LYS A 23 3.11 -20.97 13.60
CA LYS A 23 3.96 -21.88 12.85
C LYS A 23 5.42 -21.65 13.22
N VAL A 24 6.17 -22.74 13.31
CA VAL A 24 7.43 -22.78 14.04
C VAL A 24 8.53 -23.30 13.13
N SER A 25 9.70 -22.65 13.18
CA SER A 25 10.85 -23.07 12.39
C SER A 25 12.12 -22.59 13.09
N GLY A 26 13.21 -23.33 12.87
CA GLY A 26 14.51 -22.94 13.38
C GLY A 26 15.04 -23.77 14.54
N TYR A 27 14.27 -24.70 15.06
CA TYR A 27 14.68 -25.49 16.21
C TYR A 27 13.86 -26.78 16.24
N PRO A 28 14.30 -27.79 16.99
CA PRO A 28 13.49 -29.01 17.12
C PRO A 28 12.18 -28.74 17.83
N PHE A 29 11.07 -28.95 17.12
CA PHE A 29 9.76 -28.48 17.55
C PHE A 29 9.39 -28.99 18.94
N THR A 30 9.60 -30.27 19.21
CA THR A 30 9.11 -30.89 20.43
C THR A 30 10.06 -30.72 21.62
N ASP A 31 11.17 -29.99 21.45
CA ASP A 31 12.11 -29.80 22.54
C ASP A 31 11.80 -28.58 23.39
N TYR A 32 10.95 -27.68 22.91
CA TYR A 32 10.57 -26.46 23.63
C TYR A 32 9.07 -26.44 23.84
N TYR A 33 8.64 -25.95 25.00
CA TYR A 33 7.23 -25.65 25.20
C TYR A 33 6.84 -24.49 24.28
N MET A 34 5.58 -24.08 24.37
CA MET A 34 5.11 -22.92 23.63
C MET A 34 4.10 -22.18 24.48
N HIS A 35 4.30 -20.86 24.63
CA HIS A 35 3.51 -20.02 25.51
C HIS A 35 2.62 -19.10 24.69
N TRP A 36 1.52 -18.66 25.32
CA TRP A 36 0.62 -17.67 24.73
C TRP A 36 0.41 -16.54 25.72
N VAL A 37 0.55 -15.31 25.23
CA VAL A 37 0.47 -14.10 26.03
C VAL A 37 -0.53 -13.15 25.39
N GLN A 38 -1.45 -12.62 26.19
CA GLN A 38 -2.43 -11.65 25.73
C GLN A 38 -1.97 -10.24 26.08
N GLN A 39 -2.27 -9.28 25.18
CA GLN A 39 -1.95 -7.87 25.41
C GLN A 39 -3.10 -7.00 24.90
N ALA A 40 -3.97 -6.55 25.82
CA ALA A 40 -5.05 -5.63 25.49
C ALA A 40 -4.49 -4.30 24.98
N PRO A 41 -5.27 -3.54 24.20
CA PRO A 41 -4.74 -2.30 23.60
C PRO A 41 -4.33 -1.30 24.67
N GLY A 42 -3.06 -0.89 24.62
CA GLY A 42 -2.54 0.05 25.60
C GLY A 42 -2.42 -0.51 27.00
N LYS A 43 -2.45 -1.82 27.17
CA LYS A 43 -2.37 -2.46 28.47
C LYS A 43 -1.19 -3.44 28.51
N GLY A 44 -1.12 -4.24 29.59
CA GLY A 44 0.06 -5.01 29.89
C GLY A 44 0.05 -6.41 29.29
N LEU A 45 1.18 -7.10 29.48
CA LEU A 45 1.31 -8.49 29.09
C LEU A 45 0.65 -9.39 30.13
N GLU A 46 -0.21 -10.29 29.67
CA GLU A 46 -0.86 -11.22 30.58
C GLU A 46 -0.74 -12.64 30.05
N TRP A 47 -0.15 -13.51 30.87
CA TRP A 47 0.07 -14.90 30.49
C TRP A 47 -1.24 -15.67 30.34
N MET A 48 -1.35 -16.44 29.26
CA MET A 48 -2.51 -17.31 29.05
C MET A 48 -2.24 -18.77 29.44
N GLY A 49 -1.05 -19.27 29.17
CA GLY A 49 -0.74 -20.65 29.47
C GLY A 49 0.26 -21.20 28.47
N LEU A 50 0.46 -22.52 28.54
CA LEU A 50 1.49 -23.17 27.75
C LEU A 50 1.04 -24.56 27.33
N ILE A 51 1.78 -25.13 26.39
CA ILE A 51 1.66 -26.54 26.01
C ILE A 51 3.06 -27.11 25.87
N ASP A 52 3.24 -28.35 26.30
CA ASP A 52 4.45 -29.09 26.02
C ASP A 52 4.17 -29.96 24.80
N PRO A 53 4.76 -29.66 23.63
CA PRO A 53 4.45 -30.43 22.42
C PRO A 53 4.89 -31.88 22.48
N GLU A 54 5.82 -32.21 23.37
CA GLU A 54 6.32 -33.58 23.44
C GLU A 54 5.25 -34.54 23.95
N ASP A 55 4.47 -34.11 24.94
CA ASP A 55 3.39 -34.92 25.50
C ASP A 55 2.01 -34.29 25.34
N GLY A 56 1.91 -33.10 24.74
CA GLY A 56 0.64 -32.43 24.58
C GLY A 56 0.01 -31.90 25.84
N GLU A 57 0.72 -31.96 26.98
CA GLU A 57 0.17 -31.45 28.23
C GLU A 57 0.16 -29.93 28.23
N THR A 58 -0.88 -29.37 28.81
CA THR A 58 -1.09 -27.94 28.83
C THR A 58 -1.15 -27.46 30.27
N ASN A 59 -1.08 -26.14 30.42
CA ASN A 59 -1.33 -25.49 31.70
C ASN A 59 -1.85 -24.10 31.39
N TYR A 60 -3.10 -23.82 31.76
CA TYR A 60 -3.73 -22.56 31.45
C TYR A 60 -3.76 -21.67 32.69
N ALA A 61 -3.56 -20.38 32.47
CA ALA A 61 -3.71 -19.41 33.55
C ALA A 61 -5.14 -19.40 34.05
N GLU A 62 -5.30 -19.12 35.36
CA GLU A 62 -6.62 -19.19 35.97
C GLU A 62 -7.61 -18.25 35.32
N LYS A 63 -7.13 -17.13 34.76
CA LYS A 63 -8.03 -16.11 34.21
C LYS A 63 -8.74 -16.60 32.94
N PHE A 64 -8.14 -17.53 32.22
CA PHE A 64 -8.71 -18.06 30.98
C PHE A 64 -9.21 -19.49 31.12
N GLN A 65 -9.20 -20.04 32.35
CA GLN A 65 -9.55 -21.43 32.58
C GLN A 65 -10.97 -21.72 32.11
N GLY A 66 -11.10 -22.69 31.21
CA GLY A 66 -12.38 -23.09 30.66
C GLY A 66 -12.67 -22.49 29.30
N ARG A 67 -12.11 -21.32 28.98
CA ARG A 67 -12.31 -20.70 27.68
C ARG A 67 -11.18 -20.99 26.69
N VAL A 68 -10.01 -21.43 27.14
CA VAL A 68 -8.84 -21.51 26.29
C VAL A 68 -8.44 -22.97 26.06
N THR A 69 -7.92 -23.23 24.87
CA THR A 69 -7.41 -24.54 24.48
C THR A 69 -6.16 -24.34 23.66
N ILE A 70 -5.05 -24.91 24.10
CA ILE A 70 -3.80 -24.91 23.35
C ILE A 70 -3.52 -26.33 22.89
N THR A 71 -3.23 -26.48 21.60
CA THR A 71 -2.94 -27.77 21.00
C THR A 71 -1.71 -27.63 20.14
N ALA A 72 -1.06 -28.75 19.84
CA ALA A 72 0.13 -28.74 19.02
C ALA A 72 0.06 -29.86 18.00
N ASP A 73 0.66 -29.61 16.83
CA ASP A 73 0.69 -30.57 15.73
C ASP A 73 2.15 -30.73 15.30
N THR A 74 2.76 -31.87 15.64
CA THR A 74 4.16 -32.07 15.30
C THR A 74 4.37 -32.32 13.81
N SER A 75 3.32 -32.70 13.07
CA SER A 75 3.49 -32.94 11.65
C SER A 75 3.71 -31.64 10.89
N THR A 76 3.09 -30.55 11.33
CA THR A 76 3.22 -29.25 10.69
C THR A 76 4.01 -28.25 11.51
N ASP A 77 4.54 -28.67 12.67
CA ASP A 77 5.25 -27.77 13.58
C ASP A 77 4.44 -26.50 13.86
N THR A 78 3.20 -26.70 14.30
CA THR A 78 2.27 -25.59 14.53
C THR A 78 1.62 -25.75 15.89
N VAL A 79 1.52 -24.66 16.62
CA VAL A 79 0.78 -24.61 17.88
C VAL A 79 -0.46 -23.76 17.65
N TYR A 80 -1.59 -24.21 18.18
CA TYR A 80 -2.85 -23.49 18.05
C TYR A 80 -3.33 -23.05 19.42
N MET A 81 -3.98 -21.89 19.45
CA MET A 81 -4.66 -21.41 20.64
C MET A 81 -6.09 -21.04 20.25
N GLU A 82 -7.04 -21.57 21.00
CA GLU A 82 -8.47 -21.37 20.78
C GLU A 82 -9.02 -20.66 22.00
N LEU A 83 -9.75 -19.57 21.79
CA LEU A 83 -10.38 -18.83 22.87
C LEU A 83 -11.88 -18.82 22.61
N SER A 84 -12.65 -19.32 23.58
CA SER A 84 -14.08 -19.52 23.43
C SER A 84 -14.86 -18.37 24.07
N SER A 85 -16.13 -18.27 23.68
CA SER A 85 -17.09 -17.35 24.28
C SER A 85 -16.50 -15.94 24.39
N LEU A 86 -16.07 -15.43 23.24
CA LEU A 86 -15.38 -14.15 23.19
C LEU A 86 -16.31 -13.00 23.55
N ARG A 87 -15.72 -11.96 24.16
CA ARG A 87 -16.33 -10.65 24.30
C ARG A 87 -15.30 -9.56 23.94
N SER A 88 -15.80 -8.32 23.86
CA SER A 88 -14.95 -7.22 23.44
C SER A 88 -13.75 -7.03 24.36
N GLU A 89 -13.90 -7.36 25.64
CA GLU A 89 -12.75 -7.32 26.55
C GLU A 89 -11.59 -8.18 26.06
N ASP A 90 -11.84 -9.13 25.15
CA ASP A 90 -10.80 -9.95 24.55
C ASP A 90 -10.18 -9.32 23.32
N THR A 91 -10.61 -8.12 22.93
CA THR A 91 -9.91 -7.36 21.91
C THR A 91 -8.48 -7.11 22.38
N ALA A 92 -7.52 -7.64 21.63
CA ALA A 92 -6.13 -7.65 22.09
C ALA A 92 -5.24 -8.16 20.97
N VAL A 93 -3.95 -8.02 21.17
CA VAL A 93 -2.93 -8.70 20.39
C VAL A 93 -2.57 -9.98 21.15
N TYR A 94 -2.37 -11.07 20.40
CA TYR A 94 -2.08 -12.37 20.98
C TYR A 94 -0.77 -12.89 20.43
N PHE A 95 0.22 -13.08 21.31
CA PHE A 95 1.55 -13.53 20.94
C PHE A 95 1.74 -15.01 21.29
N CYS A 96 2.51 -15.70 20.46
CA CYS A 96 3.14 -16.94 20.88
C CYS A 96 4.61 -16.67 21.15
N ALA A 97 5.16 -17.39 22.11
CA ALA A 97 6.51 -17.15 22.59
C ALA A 97 7.17 -18.47 22.92
N LYS A 98 8.39 -18.66 22.41
CA LYS A 98 9.20 -19.86 22.64
C LYS A 98 10.11 -19.67 23.84
N PRO A 99 10.08 -20.60 24.80
CA PRO A 99 10.97 -20.50 25.96
C PRO A 99 12.43 -20.32 25.58
N HIS A 100 13.12 -19.48 26.34
CA HIS A 100 14.55 -19.28 26.18
C HIS A 100 15.30 -20.39 26.90
N CYS A 101 16.27 -21.00 26.22
CA CYS A 101 17.06 -22.09 26.78
C CYS A 101 18.38 -21.55 27.34
N SER A 102 18.53 -21.59 28.66
CA SER A 102 19.79 -21.20 29.27
C SER A 102 20.61 -22.41 29.70
N SER A 103 20.05 -23.61 29.60
CA SER A 103 20.72 -24.83 30.02
C SER A 103 21.63 -25.37 28.91
N ARG A 104 22.49 -26.32 29.29
CA ARG A 104 23.50 -26.85 28.37
C ARG A 104 22.89 -27.79 27.34
N THR A 105 21.88 -28.58 27.72
CA THR A 105 21.07 -29.32 26.77
C THR A 105 19.68 -28.69 26.75
N CYS A 106 19.19 -28.39 25.54
CA CYS A 106 17.93 -27.66 25.40
C CYS A 106 16.79 -28.64 25.12
N GLN A 107 16.49 -29.44 26.14
CA GLN A 107 15.43 -30.43 26.08
C GLN A 107 14.39 -30.12 27.14
N ARG A 108 13.12 -30.31 26.77
CA ARG A 108 11.99 -30.03 27.67
C ARG A 108 12.15 -28.65 28.29
N VAL A 109 12.37 -27.66 27.43
CA VAL A 109 12.61 -26.27 27.83
C VAL A 109 11.25 -25.64 28.15
N SER A 110 10.93 -25.57 29.46
CA SER A 110 9.56 -25.25 29.85
C SER A 110 9.23 -23.77 29.67
N GLY A 111 10.19 -22.89 29.95
CA GLY A 111 9.91 -21.48 29.97
C GLY A 111 9.38 -20.96 31.27
N TYR A 112 9.33 -21.79 32.31
CA TYR A 112 8.87 -21.30 33.61
C TYR A 112 9.90 -20.37 34.25
N TYR A 113 11.18 -20.51 33.90
CA TYR A 113 12.27 -19.95 34.70
C TYR A 113 13.10 -18.91 33.97
N PHE A 114 13.47 -19.16 32.72
CA PHE A 114 14.48 -18.36 32.04
C PHE A 114 13.88 -17.46 30.95
N GLY A 115 12.59 -17.14 31.05
CA GLY A 115 11.95 -16.24 30.12
C GLY A 115 11.75 -16.85 28.74
N MET A 116 11.30 -15.99 27.82
CA MET A 116 11.02 -16.36 26.44
C MET A 116 11.79 -15.43 25.52
N ASP A 117 12.64 -15.99 24.65
CA ASP A 117 13.57 -15.21 23.86
C ASP A 117 13.15 -15.00 22.40
N VAL A 118 12.16 -15.73 21.89
CA VAL A 118 11.65 -15.51 20.54
C VAL A 118 10.13 -15.48 20.59
N TRP A 119 9.54 -14.43 20.00
CA TRP A 119 8.10 -14.20 19.98
C TRP A 119 7.63 -14.07 18.54
N GLY A 120 6.40 -14.55 18.29
CA GLY A 120 5.76 -14.26 17.03
C GLY A 120 5.36 -12.80 16.91
N GLN A 121 5.07 -12.39 15.69
CA GLN A 121 4.76 -10.97 15.43
C GLN A 121 3.50 -10.50 16.13
N GLY A 122 2.68 -11.41 16.64
CA GLY A 122 1.40 -11.04 17.22
C GLY A 122 0.26 -11.19 16.23
N THR A 123 -0.92 -11.54 16.77
CA THR A 123 -2.14 -11.64 15.99
C THR A 123 -3.16 -10.70 16.61
N LEU A 124 -3.58 -9.68 15.85
CA LEU A 124 -4.55 -8.73 16.37
C LEU A 124 -5.95 -9.30 16.24
N VAL A 125 -6.73 -9.17 17.31
CA VAL A 125 -8.08 -9.68 17.38
C VAL A 125 -8.99 -8.56 17.85
N THR A 126 -10.03 -8.30 17.07
CA THR A 126 -11.04 -7.32 17.44
C THR A 126 -12.35 -8.05 17.67
N VAL A 127 -12.96 -7.82 18.84
CA VAL A 127 -14.24 -8.42 19.17
C VAL A 127 -15.24 -7.28 19.35
N SER A 128 -16.23 -7.22 18.47
CA SER A 128 -17.23 -6.17 18.52
C SER A 128 -18.56 -6.70 18.03
N SER A 129 -19.64 -6.25 18.66
CA SER A 129 -20.99 -6.53 18.20
C SER A 129 -21.32 -5.87 16.87
N ALA A 130 -20.51 -4.90 16.43
CA ALA A 130 -20.76 -4.22 15.17
C ALA A 130 -20.53 -5.16 13.99
N SER A 131 -21.06 -4.76 12.83
CA SER A 131 -20.93 -5.49 11.58
C SER A 131 -20.35 -4.59 10.51
N THR A 132 -19.99 -5.20 9.39
CA THR A 132 -19.29 -4.49 8.33
C THR A 132 -20.16 -3.36 7.76
N LYS A 133 -19.57 -2.18 7.62
CA LYS A 133 -20.24 -1.03 7.04
C LYS A 133 -19.18 -0.12 6.41
N GLY A 134 -19.46 0.34 5.20
CA GLY A 134 -18.56 1.22 4.51
C GLY A 134 -18.76 2.66 4.90
N PRO A 135 -17.74 3.49 4.65
CA PRO A 135 -17.78 4.87 5.13
C PRO A 135 -18.58 5.78 4.21
N SER A 136 -19.09 6.85 4.80
CA SER A 136 -19.49 8.05 4.06
C SER A 136 -18.31 9.01 4.05
N VAL A 137 -18.17 9.76 2.96
CA VAL A 137 -17.03 10.65 2.78
C VAL A 137 -17.54 12.06 2.54
N PHE A 138 -17.16 12.98 3.42
CA PHE A 138 -17.57 14.38 3.39
C PHE A 138 -16.37 15.31 3.29
N PRO A 139 -16.50 16.42 2.57
CA PRO A 139 -15.38 17.37 2.51
C PRO A 139 -15.14 18.07 3.84
N LEU A 140 -13.88 18.41 4.07
CA LEU A 140 -13.49 19.29 5.17
C LEU A 140 -12.90 20.55 4.56
N ALA A 141 -13.50 21.70 4.85
CA ALA A 141 -13.15 22.99 4.25
C ALA A 141 -13.40 24.10 5.26
N PRO A 142 -12.49 25.07 5.38
CA PRO A 142 -12.59 26.06 6.46
C PRO A 142 -13.79 26.99 6.28
N SER A 143 -14.23 27.54 7.43
CA SER A 143 -15.25 28.58 7.66
C SER A 143 -16.28 28.08 8.67
N ALA A 153 -5.30 24.28 4.44
CA ALA A 153 -5.88 23.18 5.22
C ALA A 153 -7.19 22.67 4.59
N LEU A 154 -7.16 21.44 4.11
CA LEU A 154 -8.27 20.86 3.35
C LEU A 154 -8.17 19.34 3.46
N GLY A 155 -9.33 18.67 3.40
CA GLY A 155 -9.32 17.21 3.53
C GLY A 155 -10.69 16.57 3.44
N CYS A 156 -10.76 15.29 3.85
CA CYS A 156 -11.98 14.50 3.84
C CYS A 156 -12.26 13.89 5.21
N LEU A 157 -13.54 13.85 5.58
CA LEU A 157 -14.01 13.15 6.76
C LEU A 157 -14.52 11.78 6.35
N VAL A 158 -13.94 10.73 6.91
CA VAL A 158 -14.29 9.35 6.59
C VAL A 158 -15.10 8.83 7.77
N LYS A 159 -16.42 8.80 7.62
CA LYS A 159 -17.35 8.67 8.73
C LYS A 159 -18.03 7.31 8.74
N ASP A 160 -18.03 6.67 9.92
CA ASP A 160 -18.95 5.59 10.27
C ASP A 160 -18.69 4.33 9.44
N TYR A 161 -17.45 3.81 9.54
CA TYR A 161 -17.07 2.55 8.90
C TYR A 161 -16.71 1.51 9.94
N PHE A 162 -16.61 0.25 9.46
CA PHE A 162 -16.23 -0.90 10.28
C PHE A 162 -15.95 -2.11 9.39
N PRO A 163 -14.91 -2.90 9.68
CA PRO A 163 -13.93 -2.60 10.73
C PRO A 163 -12.74 -1.85 10.16
N GLU A 164 -11.69 -1.68 10.95
CA GLU A 164 -10.42 -1.26 10.40
C GLU A 164 -9.93 -2.28 9.38
N PRO A 165 -9.08 -1.87 8.43
CA PRO A 165 -8.55 -0.53 8.24
C PRO A 165 -9.21 0.26 7.10
N VAL A 166 -8.76 1.50 6.93
CA VAL A 166 -9.10 2.31 5.76
C VAL A 166 -7.81 2.87 5.21
N THR A 167 -7.67 2.83 3.89
CA THR A 167 -6.57 3.50 3.20
C THR A 167 -7.08 4.79 2.59
N VAL A 168 -6.30 5.86 2.72
CA VAL A 168 -6.62 7.14 2.12
C VAL A 168 -5.41 7.64 1.38
N SER A 169 -5.57 7.88 0.08
CA SER A 169 -4.57 8.55 -0.74
C SER A 169 -5.18 9.84 -1.28
N TRP A 170 -4.37 10.59 -2.02
CA TRP A 170 -4.80 11.89 -2.53
C TRP A 170 -4.33 12.01 -3.97
N ASN A 171 -5.28 12.24 -4.88
CA ASN A 171 -4.99 12.38 -6.31
C ASN A 171 -4.28 11.14 -6.83
N SER A 172 -4.84 9.97 -6.52
CA SER A 172 -4.29 8.68 -6.95
C SER A 172 -2.84 8.54 -6.56
N GLY A 173 -2.49 9.06 -5.39
CA GLY A 173 -1.13 8.99 -4.89
C GLY A 173 -0.16 9.99 -5.48
N ALA A 174 -0.59 10.78 -6.46
CA ALA A 174 0.28 11.82 -6.99
C ALA A 174 0.59 12.89 -5.94
N LEU A 175 -0.27 13.06 -4.94
CA LEU A 175 -0.09 14.06 -3.89
C LEU A 175 0.40 13.35 -2.64
N THR A 176 1.69 13.51 -2.33
CA THR A 176 2.28 12.96 -1.12
C THR A 176 2.76 14.03 -0.15
N SER A 177 3.06 15.24 -0.64
CA SER A 177 3.58 16.29 0.22
C SER A 177 2.47 16.94 1.03
N GLY A 178 2.74 17.17 2.31
CA GLY A 178 1.80 17.89 3.16
C GLY A 178 0.50 17.18 3.43
N VAL A 179 0.48 15.85 3.37
CA VAL A 179 -0.72 15.07 3.62
C VAL A 179 -0.61 14.44 5.00
N HIS A 180 -1.68 14.54 5.78
CA HIS A 180 -1.72 13.97 7.12
C HIS A 180 -3.03 13.22 7.31
N THR A 181 -2.95 11.90 7.41
CA THR A 181 -4.09 11.05 7.74
C THR A 181 -3.98 10.68 9.21
N PHE A 182 -5.02 10.99 9.98
CA PHE A 182 -5.12 10.82 11.43
C PHE A 182 -5.70 9.45 11.78
N PRO A 183 -5.20 8.80 12.83
CA PRO A 183 -5.83 7.56 13.30
C PRO A 183 -7.30 7.78 13.63
N ALA A 184 -8.11 6.78 13.29
CA ALA A 184 -9.55 6.88 13.46
C ALA A 184 -9.94 6.91 14.94
N VAL A 185 -11.09 7.51 15.21
CA VAL A 185 -11.69 7.43 16.52
C VAL A 185 -12.71 6.30 16.51
N LEU A 186 -12.78 5.57 17.63
CA LEU A 186 -13.80 4.55 17.81
C LEU A 186 -14.98 5.18 18.54
N GLN A 187 -16.08 5.35 17.82
CA GLN A 187 -17.30 5.91 18.41
C GLN A 187 -17.95 4.89 19.33
N SER A 188 -18.78 5.40 20.24
CA SER A 188 -19.54 4.48 21.09
C SER A 188 -20.55 3.67 20.30
N SER A 189 -20.85 4.07 19.06
CA SER A 189 -21.73 3.34 18.16
C SER A 189 -21.08 2.09 17.59
N GLY A 190 -19.81 1.82 17.88
CA GLY A 190 -19.10 0.70 17.29
C GLY A 190 -18.45 1.00 15.95
N LEU A 191 -18.65 2.20 15.39
CA LEU A 191 -18.14 2.58 14.08
C LEU A 191 -16.94 3.51 14.22
N TYR A 192 -16.08 3.51 13.21
CA TYR A 192 -14.88 4.33 13.17
C TYR A 192 -15.10 5.53 12.25
N SER A 193 -14.44 6.63 12.58
CA SER A 193 -14.39 7.82 11.73
C SER A 193 -12.98 8.41 11.83
N LEU A 194 -12.38 8.71 10.68
CA LEU A 194 -11.07 9.34 10.63
C LEU A 194 -11.13 10.57 9.73
N SER A 195 -10.09 11.39 9.83
CA SER A 195 -9.89 12.52 8.93
C SER A 195 -8.49 12.46 8.33
N SER A 196 -8.39 12.81 7.05
CA SER A 196 -7.13 12.98 6.35
C SER A 196 -7.14 14.38 5.75
N VAL A 197 -6.06 15.14 5.96
CA VAL A 197 -5.98 16.52 5.52
C VAL A 197 -4.74 16.73 4.67
N VAL A 198 -4.76 17.82 3.91
CA VAL A 198 -3.60 18.28 3.16
C VAL A 198 -3.32 19.72 3.54
N THR A 199 -2.08 20.01 3.91
CA THR A 199 -1.69 21.36 4.29
C THR A 199 -0.68 21.94 3.30
N GLN A 208 -3.83 21.41 -8.26
CA GLN A 208 -4.81 22.47 -8.05
C GLN A 208 -6.17 21.89 -7.66
N THR A 209 -6.33 20.59 -7.82
CA THR A 209 -7.53 19.88 -7.42
C THR A 209 -7.16 18.73 -6.50
N TYR A 210 -7.93 18.56 -5.42
CA TYR A 210 -7.63 17.60 -4.37
C TYR A 210 -8.76 16.57 -4.28
N ILE A 211 -8.41 15.31 -4.51
CA ILE A 211 -9.38 14.23 -4.59
C ILE A 211 -9.01 13.14 -3.60
N CYS A 212 -9.96 12.76 -2.76
CA CYS A 212 -9.78 11.63 -1.87
C CYS A 212 -9.85 10.32 -2.63
N ASN A 213 -9.03 9.36 -2.20
CA ASN A 213 -9.15 7.97 -2.65
C ASN A 213 -9.22 7.13 -1.39
N VAL A 214 -10.44 6.91 -0.89
CA VAL A 214 -10.70 6.20 0.35
C VAL A 214 -11.02 4.75 0.01
N ASN A 215 -10.25 3.82 0.59
CA ASN A 215 -10.39 2.39 0.32
C ASN A 215 -10.78 1.67 1.60
N HIS A 216 -11.91 0.97 1.59
CA HIS A 216 -12.34 0.13 2.69
C HIS A 216 -12.59 -1.30 2.16
N LYS A 217 -11.52 -2.08 2.06
CA LYS A 217 -11.61 -3.44 1.54
C LYS A 217 -12.62 -4.35 2.25
N PRO A 218 -12.79 -4.30 3.58
CA PRO A 218 -13.78 -5.21 4.21
C PRO A 218 -15.19 -5.09 3.66
N SER A 219 -15.64 -3.86 3.36
CA SER A 219 -16.97 -3.64 2.81
C SER A 219 -16.97 -3.53 1.29
N ASN A 220 -15.79 -3.60 0.66
CA ASN A 220 -15.65 -3.50 -0.79
C ASN A 220 -16.17 -2.17 -1.29
N THR A 221 -15.75 -1.11 -0.61
CA THR A 221 -16.15 0.26 -0.90
C THR A 221 -14.93 1.08 -1.25
N LYS A 222 -14.97 1.73 -2.40
CA LYS A 222 -13.96 2.70 -2.81
C LYS A 222 -14.66 3.99 -3.16
N VAL A 223 -14.26 5.09 -2.53
CA VAL A 223 -14.89 6.39 -2.71
C VAL A 223 -13.83 7.40 -3.14
N ASP A 224 -14.09 8.10 -4.23
CA ASP A 224 -13.23 9.17 -4.71
C ASP A 224 -13.97 10.50 -4.50
N LYS A 225 -13.33 11.42 -3.79
CA LYS A 225 -14.02 12.62 -3.31
C LYS A 225 -13.15 13.84 -3.55
N LYS A 226 -13.59 14.72 -4.46
CA LYS A 226 -12.87 15.94 -4.78
C LYS A 226 -13.37 17.06 -3.87
N VAL A 227 -12.44 17.79 -3.24
CA VAL A 227 -12.76 18.78 -2.21
C VAL A 227 -12.33 20.15 -2.70
N GLU A 228 -13.22 21.15 -2.52
CA GLU A 228 -12.90 22.54 -2.91
C GLU A 228 -12.18 23.30 -1.80
N ALA B 3 -0.10 -8.64 38.60
CA ALA B 3 0.33 -9.37 39.79
C ALA B 3 1.70 -8.89 40.28
N LEU B 4 2.55 -8.46 39.35
CA LEU B 4 3.79 -7.77 39.68
C LEU B 4 3.58 -6.28 39.44
N THR B 5 4.05 -5.46 40.39
CA THR B 5 3.76 -4.04 40.39
C THR B 5 4.95 -3.26 39.87
N GLN B 6 4.73 -2.50 38.79
CA GLN B 6 5.70 -1.58 38.23
C GLN B 6 5.14 -0.17 38.27
N PRO B 7 5.98 0.85 38.40
CA PRO B 7 5.51 2.22 38.18
C PRO B 7 5.02 2.36 36.75
N PRO B 8 3.94 3.08 36.52
CA PRO B 8 3.44 3.22 35.15
C PRO B 8 4.45 3.85 34.20
N SER B 9 5.26 4.80 34.66
CA SER B 9 6.15 5.49 33.74
C SER B 9 7.42 5.93 34.46
N ALA B 10 8.52 5.94 33.71
CA ALA B 10 9.80 6.43 34.16
C ALA B 10 10.44 7.20 33.02
N SER B 11 11.47 7.98 33.35
CA SER B 11 11.99 8.97 32.41
C SER B 11 13.44 9.28 32.75
N GLY B 12 14.25 9.51 31.71
CA GLY B 12 15.64 9.85 31.90
C GLY B 12 16.20 10.52 30.67
N SER B 13 17.27 11.40 30.88
CA SER B 13 17.90 12.14 29.79
C SER B 13 19.02 11.32 29.15
N PRO B 14 19.32 11.58 27.88
CA PRO B 14 20.37 10.80 27.19
C PRO B 14 21.68 10.81 27.95
N GLY B 15 22.28 9.62 28.09
CA GLY B 15 23.52 9.45 28.83
C GLY B 15 23.37 9.38 30.33
N GLN B 16 22.23 9.81 30.87
CA GLN B 16 21.93 9.61 32.29
C GLN B 16 21.39 8.20 32.51
N SER B 17 20.65 7.98 33.60
CA SER B 17 20.22 6.65 33.95
C SER B 17 18.83 6.68 34.56
N VAL B 18 18.20 5.50 34.57
CA VAL B 18 16.86 5.33 35.13
C VAL B 18 16.77 3.94 35.74
N THR B 19 15.96 3.81 36.77
CA THR B 19 15.78 2.53 37.45
C THR B 19 14.30 2.21 37.54
N ILE B 20 13.95 1.00 37.08
CA ILE B 20 12.56 0.56 36.99
C ILE B 20 12.34 -0.52 38.04
N SER B 21 11.41 -0.28 38.95
CA SER B 21 11.13 -1.21 40.01
C SER B 21 10.07 -2.23 39.58
N CYS B 22 10.15 -3.42 40.17
CA CYS B 22 9.18 -4.50 39.94
C CYS B 22 8.93 -5.19 41.28
N THR B 23 7.80 -4.87 41.91
CA THR B 23 7.51 -5.34 43.27
C THR B 23 6.50 -6.47 43.19
N GLY B 24 6.85 -7.62 43.78
CA GLY B 24 5.97 -8.75 43.75
C GLY B 24 5.68 -9.38 45.09
N SER B 25 5.83 -10.69 45.19
CA SER B 25 5.53 -11.43 46.41
C SER B 25 6.74 -12.27 46.78
N SER B 26 6.65 -12.94 47.93
CA SER B 26 7.67 -13.92 48.22
C SER B 26 7.51 -15.15 47.33
N ASN B 27 6.26 -15.47 46.96
CA ASN B 27 6.00 -16.63 46.11
C ASN B 27 6.61 -16.50 44.71
N ASP B 28 6.96 -15.28 44.28
CA ASP B 28 7.57 -15.12 42.96
C ASP B 28 8.95 -14.47 43.04
N VAL B 29 8.99 -13.12 43.07
CA VAL B 29 10.26 -12.41 43.07
C VAL B 29 11.05 -12.69 44.34
N GLY B 30 10.36 -12.92 45.45
CA GLY B 30 11.06 -13.07 46.72
C GLY B 30 11.89 -14.34 46.81
N ASP B 31 11.27 -15.49 46.54
CA ASP B 31 11.92 -16.78 46.79
C ASP B 31 12.53 -17.41 45.55
N TYR B 32 12.52 -16.74 44.40
CA TYR B 32 13.09 -17.30 43.18
C TYR B 32 13.95 -16.28 42.46
N ASN B 33 15.02 -16.76 41.86
CA ASN B 33 15.90 -15.94 41.03
C ASN B 33 15.56 -16.16 39.56
N PHE B 34 14.27 -16.07 39.27
CA PHE B 34 13.75 -16.33 37.93
C PHE B 34 13.00 -15.12 37.41
N VAL B 35 13.58 -13.94 37.55
CA VAL B 35 12.92 -12.71 37.13
C VAL B 35 13.44 -12.33 35.76
N SER B 36 12.51 -12.06 34.85
CA SER B 36 12.84 -11.66 33.49
C SER B 36 12.49 -10.19 33.29
N TRP B 37 13.13 -9.58 32.29
CA TRP B 37 12.80 -8.25 31.84
C TRP B 37 12.66 -8.26 30.33
N TYR B 38 11.61 -7.58 29.84
CA TYR B 38 11.30 -7.50 28.41
C TYR B 38 11.22 -6.04 27.98
N GLN B 39 11.77 -5.75 26.80
CA GLN B 39 11.66 -4.44 26.17
C GLN B 39 10.73 -4.55 24.97
N GLN B 40 9.75 -3.66 24.89
CA GLN B 40 8.75 -3.71 23.82
C GLN B 40 8.62 -2.36 23.14
N HIS B 41 9.08 -2.28 21.89
CA HIS B 41 8.86 -1.12 21.05
C HIS B 41 7.47 -1.20 20.42
N PRO B 42 6.91 -0.06 20.01
CA PRO B 42 5.51 -0.04 19.54
C PRO B 42 5.32 -0.96 18.34
N GLY B 43 4.23 -1.72 18.37
CA GLY B 43 3.92 -2.64 17.30
C GLY B 43 4.89 -3.79 17.13
N LYS B 44 5.75 -4.04 18.12
CA LYS B 44 6.74 -5.09 18.02
C LYS B 44 6.55 -6.10 19.16
N PRO B 45 6.97 -7.35 18.97
CA PRO B 45 6.91 -8.29 20.07
C PRO B 45 7.96 -7.97 21.12
N PRO B 46 7.71 -8.31 22.39
CA PRO B 46 8.72 -8.05 23.42
C PRO B 46 10.04 -8.73 23.08
N LYS B 47 11.10 -8.19 23.66
CA LYS B 47 12.45 -8.71 23.46
C LYS B 47 13.06 -8.97 24.83
N LEU B 48 13.49 -10.20 25.07
CA LEU B 48 14.03 -10.56 26.37
C LEU B 48 15.34 -9.82 26.61
N MET B 49 15.40 -9.10 27.73
CA MET B 49 16.57 -8.31 28.11
C MET B 49 17.34 -8.86 29.29
N ILE B 50 16.64 -9.41 30.29
CA ILE B 50 17.27 -10.00 31.46
C ILE B 50 16.53 -11.30 31.78
N TYR B 51 17.29 -12.33 32.15
CA TYR B 51 16.78 -13.56 32.72
C TYR B 51 17.62 -13.92 33.93
N GLU B 52 17.00 -14.58 34.91
CA GLU B 52 17.68 -14.93 36.16
C GLU B 52 18.21 -13.69 36.88
N VAL B 53 17.34 -12.68 36.97
CA VAL B 53 17.56 -11.45 37.74
C VAL B 53 18.62 -10.55 37.12
N THR B 54 19.79 -11.10 36.75
CA THR B 54 20.91 -10.26 36.31
C THR B 54 21.57 -10.73 35.01
N LYS B 55 21.31 -11.93 34.52
CA LYS B 55 21.94 -12.38 33.29
C LYS B 55 21.31 -11.68 32.08
N ARG B 56 22.11 -11.56 31.02
CA ARG B 56 21.70 -10.88 29.80
C ARG B 56 21.84 -11.84 28.62
N PRO B 57 20.79 -12.01 27.80
CA PRO B 57 20.91 -12.88 26.62
C PRO B 57 21.91 -12.30 25.64
N SER B 58 22.33 -13.15 24.71
CA SER B 58 23.33 -12.74 23.73
C SER B 58 22.84 -11.54 22.92
N GLY B 59 23.62 -10.47 22.92
CA GLY B 59 23.31 -9.28 22.16
C GLY B 59 22.79 -8.11 22.98
N VAL B 60 22.60 -8.27 24.28
CA VAL B 60 22.05 -7.22 25.13
C VAL B 60 23.21 -6.47 25.78
N PRO B 61 23.36 -5.18 25.55
CA PRO B 61 24.51 -4.45 26.10
C PRO B 61 24.49 -4.41 27.62
N ASP B 62 25.68 -4.21 28.19
CA ASP B 62 25.84 -4.19 29.64
C ASP B 62 25.10 -3.04 30.30
N ARG B 63 24.60 -2.07 29.52
CA ARG B 63 23.92 -0.92 30.11
C ARG B 63 22.67 -1.33 30.88
N PHE B 64 22.04 -2.44 30.47
CA PHE B 64 20.87 -2.97 31.15
C PHE B 64 21.34 -3.86 32.30
N PHE B 65 21.10 -3.41 33.53
CA PHE B 65 21.62 -4.04 34.72
C PHE B 65 20.45 -4.43 35.62
N GLY B 66 20.32 -5.72 35.89
CA GLY B 66 19.24 -6.23 36.70
C GLY B 66 19.68 -6.53 38.12
N SER B 67 18.73 -6.41 39.04
CA SER B 67 18.97 -6.72 40.45
C SER B 67 17.63 -6.94 41.12
N LYS B 68 17.68 -7.38 42.37
CA LYS B 68 16.50 -7.50 43.20
C LYS B 68 16.92 -7.40 44.66
N SER B 69 15.98 -6.95 45.50
CA SER B 69 16.19 -6.88 46.94
C SER B 69 14.91 -7.34 47.61
N GLY B 70 14.94 -8.54 48.20
CA GLY B 70 13.75 -9.05 48.84
C GLY B 70 12.67 -9.33 47.81
N ASN B 71 11.52 -8.69 48.00
CA ASN B 71 10.37 -8.88 47.14
C ASN B 71 10.33 -7.93 45.94
N THR B 72 11.31 -7.03 45.82
CA THR B 72 11.31 -6.01 44.77
C THR B 72 12.53 -6.17 43.88
N ALA B 73 12.30 -6.46 42.61
CA ALA B 73 13.32 -6.50 41.59
C ALA B 73 13.35 -5.18 40.84
N SER B 74 14.54 -4.84 40.34
CA SER B 74 14.73 -3.58 39.63
C SER B 74 15.53 -3.81 38.36
N LEU B 75 15.30 -2.95 37.38
CA LEU B 75 16.09 -2.89 36.16
C LEU B 75 16.61 -1.47 36.04
N THR B 76 17.92 -1.33 35.93
CA THR B 76 18.55 -0.05 35.67
C THR B 76 19.12 -0.09 34.26
N VAL B 77 18.91 1.00 33.53
CA VAL B 77 19.48 1.22 32.20
C VAL B 77 20.36 2.45 32.27
N SER B 78 21.59 2.32 31.79
CA SER B 78 22.58 3.37 31.84
C SER B 78 22.98 3.82 30.45
N GLY B 79 23.49 5.06 30.35
CA GLY B 79 23.87 5.62 29.07
C GLY B 79 22.71 5.65 28.11
N LEU B 80 21.58 6.19 28.59
CA LEU B 80 20.34 6.18 27.85
C LEU B 80 20.53 6.75 26.44
N GLN B 81 19.98 6.03 25.47
CA GLN B 81 19.87 6.49 24.10
C GLN B 81 18.39 6.59 23.73
N ALA B 82 18.13 7.21 22.58
CA ALA B 82 16.75 7.40 22.14
C ALA B 82 16.02 6.07 22.06
N ASP B 83 16.61 5.09 21.36
CA ASP B 83 15.90 3.82 21.14
C ASP B 83 15.80 2.95 22.40
N ASP B 84 16.19 3.42 23.58
CA ASP B 84 15.78 2.74 24.80
C ASP B 84 14.32 3.03 25.14
N GLU B 85 13.79 4.14 24.62
CA GLU B 85 12.38 4.46 24.76
C GLU B 85 11.54 3.31 24.28
N ALA B 86 10.69 2.80 25.18
CA ALA B 86 9.90 1.59 24.96
C ALA B 86 9.12 1.27 26.22
N ASP B 87 8.32 0.20 26.17
CA ASP B 87 7.67 -0.33 27.36
C ASP B 87 8.51 -1.48 27.90
N TYR B 88 8.74 -1.47 29.21
CA TYR B 88 9.54 -2.48 29.88
C TYR B 88 8.67 -3.28 30.83
N TYR B 89 8.69 -4.60 30.69
CA TYR B 89 7.89 -5.49 31.51
C TYR B 89 8.81 -6.40 32.29
N CYS B 90 8.50 -6.60 33.56
CA CYS B 90 9.13 -7.67 34.32
C CYS B 90 8.23 -8.89 34.33
N SER B 91 8.81 -10.04 34.59
CA SER B 91 8.08 -11.29 34.71
C SER B 91 8.87 -12.21 35.62
N SER B 92 8.15 -13.14 36.25
CA SER B 92 8.81 -14.03 37.20
C SER B 92 8.13 -15.38 37.20
N TYR B 93 8.88 -16.39 37.62
CA TYR B 93 8.25 -17.65 38.00
C TYR B 93 7.47 -17.43 39.29
N ALA B 94 6.38 -18.17 39.45
CA ALA B 94 5.60 -18.10 40.68
C ALA B 94 5.27 -19.51 41.14
N GLY B 95 5.48 -19.76 42.43
CA GLY B 95 5.24 -21.07 43.02
C GLY B 95 3.87 -21.63 42.72
N GLY B 96 3.83 -22.84 42.18
CA GLY B 96 2.63 -23.42 41.65
C GLY B 96 2.60 -23.52 40.14
N ASN B 97 3.76 -23.43 39.49
CA ASN B 97 3.88 -23.56 38.04
C ASN B 97 3.03 -22.52 37.32
N SER B 98 3.51 -21.28 37.30
CA SER B 98 2.86 -20.18 36.62
C SER B 98 3.92 -19.16 36.23
N VAL B 99 3.63 -18.39 35.18
CA VAL B 99 4.43 -17.25 34.79
C VAL B 99 3.58 -16.01 35.03
N VAL B 100 4.12 -15.07 35.81
CA VAL B 100 3.41 -13.86 36.21
C VAL B 100 4.15 -12.66 35.65
N PHE B 101 3.41 -11.63 35.25
CA PHE B 101 3.95 -10.46 34.60
C PHE B 101 3.67 -9.20 35.42
N GLY B 102 4.47 -8.15 35.15
CA GLY B 102 4.17 -6.83 35.68
C GLY B 102 3.30 -6.00 34.74
N GLY B 103 2.83 -4.85 35.25
CA GLY B 103 1.97 -3.99 34.46
C GLY B 103 2.71 -3.24 33.37
N GLY B 104 4.03 -3.16 33.47
CA GLY B 104 4.84 -2.45 32.47
C GLY B 104 5.07 -1.00 32.83
N THR B 105 6.19 -0.47 32.34
CA THR B 105 6.59 0.92 32.58
C THR B 105 6.95 1.55 31.25
N LYS B 106 6.29 2.66 30.90
CA LYS B 106 6.66 3.38 29.70
C LYS B 106 7.86 4.27 30.01
N LEU B 107 9.02 3.94 29.44
CA LEU B 107 10.22 4.74 29.61
C LEU B 107 10.28 5.77 28.48
N THR B 108 10.44 7.03 28.86
CA THR B 108 10.67 8.12 27.91
C THR B 108 12.10 8.62 28.06
N VAL B 109 12.76 8.86 26.94
CA VAL B 109 14.07 9.50 26.90
C VAL B 109 13.87 10.91 26.35
N LEU B 110 14.45 11.91 27.03
CA LEU B 110 14.04 13.31 26.89
C LEU B 110 14.78 14.09 25.82
N GLY B 111 14.97 13.54 24.62
CA GLY B 111 15.73 14.26 23.60
C GLY B 111 14.96 15.42 22.99
N GLN B 112 13.70 15.22 22.67
CA GLN B 112 12.98 16.19 21.84
C GLN B 112 12.46 17.35 22.69
N PRO B 113 12.55 18.57 22.18
CA PRO B 113 12.00 19.71 22.93
C PRO B 113 10.47 19.68 22.98
N LYS B 114 9.94 20.27 24.05
CA LYS B 114 8.50 20.42 24.20
C LYS B 114 7.94 21.29 23.08
N ALA B 115 6.82 20.85 22.50
CA ALA B 115 6.26 21.47 21.30
C ALA B 115 4.75 21.60 21.44
N ALA B 116 4.23 22.78 21.17
CA ALA B 116 2.82 23.04 21.33
C ALA B 116 2.02 22.50 20.14
N PRO B 117 0.79 22.09 20.37
CA PRO B 117 0.00 21.49 19.28
C PRO B 117 -0.48 22.55 18.31
N SER B 118 -0.57 22.14 17.03
CA SER B 118 -1.24 22.91 15.99
C SER B 118 -2.66 22.39 15.85
N VAL B 119 -3.63 23.31 15.91
CA VAL B 119 -5.04 22.97 15.99
C VAL B 119 -5.76 23.44 14.72
N THR B 120 -6.51 22.55 14.11
CA THR B 120 -7.38 22.87 12.99
C THR B 120 -8.78 22.38 13.28
N LEU B 121 -9.76 23.28 13.24
CA LEU B 121 -11.16 23.00 13.54
C LEU B 121 -11.96 23.16 12.26
N PHE B 122 -12.70 22.09 11.87
CA PHE B 122 -13.52 22.09 10.67
C PHE B 122 -15.01 22.10 11.01
N PRO B 123 -15.80 22.88 10.28
CA PRO B 123 -17.24 22.89 10.49
C PRO B 123 -17.87 21.67 9.82
N PRO B 124 -19.15 21.39 10.09
CA PRO B 124 -19.80 20.29 9.36
C PRO B 124 -20.00 20.66 7.91
N SER B 125 -20.00 19.64 7.06
CA SER B 125 -20.22 19.85 5.64
C SER B 125 -21.71 20.07 5.36
N SER B 126 -22.00 20.86 4.32
CA SER B 126 -23.38 20.99 3.86
C SER B 126 -23.97 19.62 3.48
N GLU B 127 -23.15 18.75 2.90
CA GLU B 127 -23.57 17.39 2.60
C GLU B 127 -24.11 16.69 3.85
N GLU B 128 -23.35 16.74 4.95
CA GLU B 128 -23.74 16.03 6.16
C GLU B 128 -25.00 16.63 6.76
N LEU B 129 -25.10 17.96 6.75
CA LEU B 129 -26.32 18.62 7.22
C LEU B 129 -27.54 18.14 6.45
N GLN B 130 -27.37 17.84 5.16
CA GLN B 130 -28.48 17.29 4.38
C GLN B 130 -28.91 15.92 4.91
N ALA B 131 -27.98 15.17 5.49
CA ALA B 131 -28.31 13.91 6.13
C ALA B 131 -28.79 14.09 7.57
N ASN B 132 -29.05 15.34 7.98
CA ASN B 132 -29.52 15.66 9.33
C ASN B 132 -28.51 15.26 10.41
N LYS B 133 -27.22 15.35 10.10
CA LYS B 133 -26.16 15.14 11.09
C LYS B 133 -25.12 16.23 10.94
N ALA B 134 -24.37 16.49 12.01
CA ALA B 134 -23.34 17.52 11.98
C ALA B 134 -22.18 17.09 12.87
N THR B 135 -20.97 17.12 12.31
CA THR B 135 -19.77 16.71 13.02
C THR B 135 -18.72 17.81 12.93
N LEU B 136 -18.25 18.27 14.08
CA LEU B 136 -17.12 19.19 14.18
C LEU B 136 -15.85 18.38 14.38
N VAL B 137 -14.83 18.65 13.57
CA VAL B 137 -13.58 17.90 13.59
C VAL B 137 -12.47 18.84 14.06
N CYS B 138 -11.82 18.47 15.15
CA CYS B 138 -10.71 19.20 15.74
C CYS B 138 -9.46 18.35 15.56
N LEU B 139 -8.53 18.82 14.74
CA LEU B 139 -7.31 18.08 14.42
C LEU B 139 -6.13 18.68 15.14
N ILE B 140 -5.41 17.83 15.88
CA ILE B 140 -4.35 18.26 16.77
C ILE B 140 -3.07 17.55 16.35
N SER B 141 -2.04 18.33 16.03
CA SER B 141 -0.82 17.76 15.48
C SER B 141 0.41 18.36 16.16
N ASP B 142 1.54 17.67 15.97
CA ASP B 142 2.88 18.22 16.18
C ASP B 142 3.12 18.67 17.62
N PHE B 143 2.57 17.94 18.59
CA PHE B 143 2.81 18.28 19.99
C PHE B 143 3.70 17.23 20.65
N TYR B 144 4.51 17.69 21.60
CA TYR B 144 5.39 16.84 22.41
C TYR B 144 5.55 17.54 23.75
N PRO B 145 5.42 16.82 24.88
CA PRO B 145 5.12 15.38 24.98
C PRO B 145 3.72 14.99 24.49
N GLY B 146 3.48 13.70 24.33
CA GLY B 146 2.24 13.23 23.74
C GLY B 146 1.08 13.09 24.70
N ALA B 147 0.64 14.21 25.29
CA ALA B 147 -0.57 14.21 26.09
C ALA B 147 -1.25 15.56 25.95
N VAL B 148 -2.53 15.54 25.58
CA VAL B 148 -3.38 16.74 25.60
C VAL B 148 -4.69 16.39 26.27
N THR B 149 -5.38 17.42 26.74
CA THR B 149 -6.79 17.33 27.08
C THR B 149 -7.55 18.26 26.14
N VAL B 150 -8.76 17.85 25.79
CA VAL B 150 -9.58 18.59 24.83
C VAL B 150 -10.90 18.96 25.50
N ALA B 151 -11.30 20.22 25.34
CA ALA B 151 -12.56 20.73 25.85
C ALA B 151 -13.25 21.52 24.74
N TRP B 152 -14.54 21.26 24.54
CA TRP B 152 -15.33 21.95 23.54
C TRP B 152 -16.26 22.96 24.21
N LYS B 153 -16.66 23.96 23.43
CA LYS B 153 -17.57 25.00 23.90
C LYS B 153 -18.57 25.35 22.81
N ALA B 154 -19.85 25.41 23.19
CA ALA B 154 -20.89 26.07 22.42
C ALA B 154 -21.04 27.50 22.95
N ASP B 155 -20.69 28.49 22.12
CA ASP B 155 -20.61 29.90 22.53
C ASP B 155 -19.63 29.97 23.69
N SER B 156 -20.03 30.35 24.88
CA SER B 156 -19.16 30.32 26.04
C SER B 156 -19.42 29.11 26.93
N SER B 157 -20.36 28.26 26.54
CA SER B 157 -20.81 27.17 27.40
C SER B 157 -20.11 25.88 27.03
N PRO B 158 -19.51 25.17 27.98
CA PRO B 158 -18.82 23.92 27.65
C PRO B 158 -19.82 22.83 27.30
N VAL B 159 -19.46 22.00 26.33
CA VAL B 159 -20.23 20.84 25.94
C VAL B 159 -19.34 19.61 26.03
N LYS B 160 -19.82 18.57 26.72
CA LYS B 160 -19.16 17.28 26.74
C LYS B 160 -19.99 16.16 26.12
N ALA B 161 -21.29 16.34 25.97
CA ALA B 161 -22.10 15.40 25.22
C ALA B 161 -21.68 15.38 23.76
N GLY B 162 -21.60 14.17 23.20
CA GLY B 162 -21.27 14.01 21.80
C GLY B 162 -19.81 14.13 21.48
N VAL B 163 -18.94 14.22 22.49
CA VAL B 163 -17.52 14.40 22.30
C VAL B 163 -16.83 13.04 22.26
N GLU B 164 -15.97 12.85 21.26
CA GLU B 164 -15.19 11.62 21.12
C GLU B 164 -13.77 12.02 20.75
N THR B 165 -12.81 11.57 21.54
CA THR B 165 -11.42 11.98 21.39
C THR B 165 -10.53 10.74 21.27
N THR B 166 -9.62 10.73 20.30
CA THR B 166 -8.68 9.63 20.16
C THR B 166 -7.59 9.70 21.24
N THR B 167 -6.76 8.67 21.26
CA THR B 167 -5.54 8.68 22.04
C THR B 167 -4.44 9.40 21.28
N PRO B 168 -3.37 9.79 21.95
CA PRO B 168 -2.20 10.31 21.24
C PRO B 168 -1.51 9.20 20.45
N SER B 169 -1.03 9.55 19.27
CA SER B 169 -0.35 8.63 18.39
C SER B 169 0.92 9.29 17.85
N LYS B 170 2.03 8.57 17.90
CA LYS B 170 3.30 9.14 17.45
C LYS B 170 3.27 9.37 15.94
N GLN B 171 3.69 10.57 15.53
CA GLN B 171 3.76 10.90 14.12
C GLN B 171 5.09 10.42 13.53
N SER B 172 5.28 10.66 12.24
CA SER B 172 6.52 10.26 11.59
C SER B 172 7.69 11.14 12.04
N ASN B 173 7.42 12.38 12.43
CA ASN B 173 8.46 13.31 12.88
C ASN B 173 8.73 13.20 14.39
N ASN B 174 8.25 12.13 15.03
CA ASN B 174 8.41 11.83 16.46
C ASN B 174 7.57 12.73 17.35
N LYS B 175 6.84 13.69 16.81
CA LYS B 175 5.84 14.40 17.60
C LYS B 175 4.57 13.57 17.61
N TYR B 176 3.50 14.11 18.19
CA TYR B 176 2.27 13.35 18.42
C TYR B 176 1.07 14.03 17.77
N ALA B 177 0.02 13.24 17.56
CA ALA B 177 -1.22 13.70 16.93
C ALA B 177 -2.41 13.11 17.66
N ALA B 178 -3.54 13.78 17.56
CA ALA B 178 -4.79 13.33 18.18
C ALA B 178 -5.95 14.01 17.48
N SER B 179 -7.14 13.46 17.71
CA SER B 179 -8.37 13.88 17.05
C SER B 179 -9.51 13.94 18.06
N SER B 180 -10.40 14.90 17.86
CA SER B 180 -11.61 14.97 18.68
C SER B 180 -12.79 15.35 17.79
N TYR B 181 -13.92 14.70 17.99
CA TYR B 181 -15.10 14.89 17.17
C TYR B 181 -16.25 15.30 18.07
N LEU B 182 -16.95 16.35 17.68
CA LEU B 182 -18.14 16.77 18.38
C LEU B 182 -19.35 16.52 17.50
N SER B 183 -20.23 15.62 17.94
CA SER B 183 -21.45 15.32 17.21
C SER B 183 -22.57 16.25 17.68
N LEU B 184 -23.26 16.86 16.72
CA LEU B 184 -24.36 17.76 17.00
C LEU B 184 -25.49 17.47 16.02
N THR B 185 -26.68 17.94 16.37
CA THR B 185 -27.76 18.03 15.40
C THR B 185 -27.58 19.28 14.54
N PRO B 186 -28.12 19.27 13.33
CA PRO B 186 -28.17 20.52 12.55
C PRO B 186 -28.74 21.69 13.34
N GLU B 187 -29.75 21.43 14.18
CA GLU B 187 -30.40 22.51 14.90
C GLU B 187 -29.45 23.14 15.91
N GLN B 188 -28.66 22.32 16.60
CA GLN B 188 -27.70 22.84 17.55
C GLN B 188 -26.62 23.65 16.84
N TRP B 189 -26.13 23.15 15.71
CA TRP B 189 -25.10 23.86 14.97
C TRP B 189 -25.56 25.27 14.60
N LYS B 190 -26.81 25.41 14.16
CA LYS B 190 -27.32 26.70 13.66
C LYS B 190 -27.77 27.63 14.77
N SER B 191 -28.03 27.11 15.97
CA SER B 191 -28.60 27.95 17.03
C SER B 191 -27.54 28.76 17.79
N HIS B 192 -26.26 28.44 17.65
CA HIS B 192 -25.21 29.11 18.39
C HIS B 192 -24.44 30.05 17.49
N ARG B 193 -23.88 31.09 18.10
CA ARG B 193 -23.00 31.99 17.35
C ARG B 193 -21.76 31.24 16.86
N SER B 194 -21.18 30.38 17.69
CA SER B 194 -19.93 29.73 17.34
C SER B 194 -19.69 28.52 18.23
N TYR B 195 -18.77 27.65 17.77
CA TYR B 195 -18.26 26.54 18.53
C TYR B 195 -16.73 26.61 18.52
N SER B 196 -16.13 26.13 19.59
CA SER B 196 -14.68 26.19 19.71
C SER B 196 -14.17 24.91 20.36
N CYS B 197 -12.98 24.51 19.91
CA CYS B 197 -12.27 23.35 20.43
C CYS B 197 -11.01 23.85 21.13
N GLN B 198 -10.88 23.58 22.42
CA GLN B 198 -9.77 24.06 23.24
C GLN B 198 -8.84 22.91 23.60
N VAL B 199 -7.59 23.00 23.15
CA VAL B 199 -6.58 21.97 23.35
C VAL B 199 -5.59 22.48 24.38
N THR B 200 -5.53 21.82 25.53
CA THR B 200 -4.59 22.17 26.58
C THR B 200 -3.40 21.22 26.55
N HIS B 201 -2.19 21.78 26.54
CA HIS B 201 -0.96 21.02 26.43
C HIS B 201 0.04 21.58 27.41
N GLU B 202 0.41 20.79 28.43
CA GLU B 202 1.40 21.17 29.42
C GLU B 202 1.09 22.56 29.97
N GLY B 203 -0.17 22.76 30.33
CA GLY B 203 -0.62 23.99 30.96
C GLY B 203 -1.07 25.07 30.00
N SER B 204 -0.70 25.02 28.73
CA SER B 204 -0.99 26.08 27.78
C SER B 204 -2.06 25.64 26.78
N THR B 205 -3.06 26.49 26.58
CA THR B 205 -4.24 26.15 25.80
C THR B 205 -4.19 26.83 24.44
N VAL B 206 -4.47 26.08 23.38
CA VAL B 206 -4.61 26.60 22.03
C VAL B 206 -6.04 26.38 21.58
N GLU B 207 -6.64 27.40 20.97
CA GLU B 207 -8.06 27.39 20.67
C GLU B 207 -8.31 27.66 19.19
N LYS B 208 -9.36 27.04 18.65
CA LYS B 208 -9.86 27.34 17.31
C LYS B 208 -11.39 27.40 17.35
N THR B 209 -11.95 28.19 16.43
CA THR B 209 -13.37 28.53 16.46
C THR B 209 -13.95 28.45 15.05
N VAL B 210 -15.22 28.04 14.97
CA VAL B 210 -15.96 28.01 13.71
C VAL B 210 -17.38 28.48 13.99
N ALA B 211 -18.06 28.89 12.93
CA ALA B 211 -19.37 29.52 13.06
C ALA B 211 -20.22 29.19 11.84
N PRO B 212 -21.55 29.06 12.01
CA PRO B 212 -22.47 28.82 10.90
C PRO B 212 -22.48 29.96 9.88
N GLU C 1 20.32 -15.41 -28.99
CA GLU C 1 20.35 -16.86 -29.20
C GLU C 1 19.18 -17.53 -28.47
N VAL C 2 19.03 -17.22 -27.18
CA VAL C 2 17.89 -17.69 -26.39
C VAL C 2 16.73 -16.73 -26.63
N GLN C 3 15.61 -17.26 -27.10
CA GLN C 3 14.47 -16.41 -27.40
C GLN C 3 13.17 -17.08 -27.00
N LEU C 4 12.27 -16.27 -26.45
CA LEU C 4 10.92 -16.68 -26.09
C LEU C 4 9.97 -15.87 -26.96
N VAL C 5 9.38 -16.53 -27.95
CA VAL C 5 8.57 -15.86 -28.97
C VAL C 5 7.09 -16.14 -28.68
N GLN C 6 6.39 -15.11 -28.21
CA GLN C 6 4.98 -15.24 -27.88
C GLN C 6 4.10 -14.92 -29.08
N SER C 7 2.86 -15.40 -29.02
CA SER C 7 1.89 -15.16 -30.09
C SER C 7 1.36 -13.73 -30.01
N GLY C 8 0.71 -13.31 -31.10
CA GLY C 8 0.34 -11.91 -31.25
C GLY C 8 -0.82 -11.49 -30.37
N ALA C 9 -1.16 -10.20 -30.47
CA ALA C 9 -2.14 -9.56 -29.61
C ALA C 9 -3.54 -10.13 -29.83
N GLU C 10 -4.38 -9.97 -28.81
CA GLU C 10 -5.72 -10.57 -28.76
C GLU C 10 -6.73 -9.54 -28.32
N VAL C 11 -7.95 -9.66 -28.85
CA VAL C 11 -9.09 -8.85 -28.44
C VAL C 11 -10.25 -9.81 -28.14
N LYS C 12 -10.80 -9.72 -26.94
CA LYS C 12 -11.71 -10.76 -26.48
C LYS C 12 -12.92 -10.15 -25.78
N LYS C 13 -14.08 -10.78 -25.99
CA LYS C 13 -15.28 -10.44 -25.25
C LYS C 13 -15.17 -10.97 -23.82
N PRO C 14 -15.74 -10.28 -22.85
CA PRO C 14 -15.80 -10.84 -21.49
C PRO C 14 -16.50 -12.20 -21.52
N GLY C 15 -15.96 -13.14 -20.75
CA GLY C 15 -16.49 -14.48 -20.70
C GLY C 15 -15.89 -15.43 -21.70
N ALA C 16 -15.06 -14.95 -22.63
CA ALA C 16 -14.41 -15.82 -23.60
C ALA C 16 -13.14 -16.42 -23.00
N THR C 17 -12.43 -17.19 -23.82
CA THR C 17 -11.22 -17.88 -23.42
C THR C 17 -10.14 -17.64 -24.47
N MET C 18 -8.91 -17.46 -24.02
CA MET C 18 -7.77 -17.24 -24.89
C MET C 18 -6.67 -18.25 -24.58
N LYS C 19 -5.84 -18.54 -25.57
CA LYS C 19 -4.68 -19.41 -25.39
C LYS C 19 -3.48 -18.76 -26.06
N ILE C 20 -2.55 -18.23 -25.23
CA ILE C 20 -1.30 -17.61 -25.65
C ILE C 20 -0.24 -18.69 -25.81
N SER C 21 0.59 -18.56 -26.83
CA SER C 21 1.71 -19.47 -27.04
C SER C 21 3.04 -18.77 -26.73
N CYS C 22 4.03 -19.58 -26.39
CA CYS C 22 5.38 -19.12 -26.10
C CYS C 22 6.34 -20.15 -26.69
N LYS C 23 6.95 -19.81 -27.82
CA LYS C 23 7.84 -20.75 -28.51
C LYS C 23 9.29 -20.41 -28.24
N VAL C 24 10.08 -21.45 -28.02
CA VAL C 24 11.36 -21.34 -27.35
C VAL C 24 12.46 -21.80 -28.29
N SER C 25 13.58 -21.07 -28.28
CA SER C 25 14.72 -21.39 -29.12
C SER C 25 16.00 -21.02 -28.39
N GLY C 26 17.06 -21.78 -28.63
CA GLY C 26 18.37 -21.44 -28.12
C GLY C 26 18.82 -22.13 -26.85
N TYR C 27 18.04 -23.07 -26.32
CA TYR C 27 18.42 -23.78 -25.11
C TYR C 27 17.60 -25.07 -25.03
N PRO C 28 18.03 -26.02 -24.19
CA PRO C 28 17.26 -27.29 -24.07
C PRO C 28 15.93 -27.04 -23.40
N PHE C 29 14.84 -27.31 -24.13
CA PHE C 29 13.51 -26.88 -23.68
C PHE C 29 13.08 -27.61 -22.42
N THR C 30 13.31 -28.91 -22.32
CA THR C 30 12.80 -29.66 -21.19
C THR C 30 13.64 -29.49 -19.93
N ASP C 31 14.79 -28.83 -20.03
CA ASP C 31 15.67 -28.68 -18.86
C ASP C 31 15.22 -27.57 -17.92
N TYR C 32 14.30 -26.72 -18.36
CA TYR C 32 13.94 -25.51 -17.65
C TYR C 32 12.43 -25.44 -17.48
N TYR C 33 11.98 -24.99 -16.33
CA TYR C 33 10.56 -24.69 -16.15
C TYR C 33 10.18 -23.53 -17.07
N MET C 34 8.95 -23.05 -16.92
CA MET C 34 8.47 -21.93 -17.72
C MET C 34 7.42 -21.22 -16.88
N HIS C 35 7.67 -19.94 -16.58
CA HIS C 35 6.76 -19.11 -15.82
C HIS C 35 5.93 -18.22 -16.73
N TRP C 36 4.80 -17.76 -16.20
CA TRP C 36 3.90 -16.82 -16.85
C TRP C 36 3.60 -15.69 -15.86
N VAL C 37 3.59 -14.46 -16.37
CA VAL C 37 3.44 -13.28 -15.53
C VAL C 37 2.46 -12.33 -16.20
N GLN C 38 1.47 -11.88 -15.44
CA GLN C 38 0.48 -10.92 -15.91
C GLN C 38 0.90 -9.50 -15.51
N GLN C 39 0.64 -8.53 -16.40
CA GLN C 39 0.92 -7.13 -16.10
C GLN C 39 -0.16 -6.26 -16.72
N ALA C 40 -1.01 -5.70 -15.86
CA ALA C 40 -2.08 -4.83 -16.31
C ALA C 40 -1.50 -3.46 -16.71
N PRO C 41 -2.17 -2.75 -17.63
CA PRO C 41 -1.69 -1.42 -18.02
C PRO C 41 -1.46 -0.49 -16.84
N GLY C 42 -0.24 0.01 -16.71
CA GLY C 42 0.12 0.88 -15.59
C GLY C 42 0.34 0.20 -14.25
N LYS C 43 0.19 -1.12 -14.17
CA LYS C 43 0.33 -1.84 -12.91
C LYS C 43 1.60 -2.69 -12.94
N GLY C 44 1.80 -3.47 -11.87
CA GLY C 44 3.03 -4.19 -11.68
C GLY C 44 2.98 -5.62 -12.21
N LEU C 45 4.13 -6.29 -12.11
CA LEU C 45 4.19 -7.69 -12.49
C LEU C 45 3.42 -8.54 -11.48
N GLU C 46 2.72 -9.56 -11.97
CA GLU C 46 1.99 -10.46 -11.10
C GLU C 46 2.20 -11.88 -11.60
N TRP C 47 2.79 -12.72 -10.76
CA TRP C 47 3.11 -14.08 -11.12
C TRP C 47 1.82 -14.89 -11.32
N MET C 48 1.76 -15.64 -12.42
CA MET C 48 0.58 -16.46 -12.73
C MET C 48 0.78 -17.92 -12.35
N GLY C 49 1.95 -18.47 -12.61
CA GLY C 49 2.21 -19.87 -12.38
C GLY C 49 3.31 -20.36 -13.30
N LEU C 50 3.62 -21.65 -13.17
CA LEU C 50 4.71 -22.27 -13.92
C LEU C 50 4.29 -23.66 -14.39
N ILE C 51 5.09 -24.22 -15.30
CA ILE C 51 4.98 -25.62 -15.67
C ILE C 51 6.38 -26.21 -15.79
N ASP C 52 6.52 -27.44 -15.31
CA ASP C 52 7.74 -28.21 -15.54
C ASP C 52 7.49 -29.09 -16.76
N PRO C 53 8.08 -28.80 -17.93
CA PRO C 53 7.76 -29.58 -19.14
C PRO C 53 8.32 -30.99 -19.13
N GLU C 54 9.24 -31.34 -18.23
CA GLU C 54 9.72 -32.71 -18.18
C GLU C 54 8.65 -33.67 -17.69
N ASP C 55 7.80 -33.22 -16.76
CA ASP C 55 6.76 -34.06 -16.18
C ASP C 55 5.36 -33.47 -16.33
N GLY C 56 5.23 -32.26 -16.89
CA GLY C 56 3.95 -31.64 -17.10
C GLY C 56 3.27 -31.10 -15.87
N GLU C 57 3.90 -31.20 -14.70
CA GLU C 57 3.31 -30.70 -13.48
C GLU C 57 3.25 -29.17 -13.51
N THR C 58 2.19 -28.61 -12.93
CA THR C 58 1.98 -27.17 -12.92
C THR C 58 1.76 -26.69 -11.50
N ASN C 59 1.90 -25.38 -11.32
CA ASN C 59 1.58 -24.72 -10.06
C ASN C 59 1.04 -23.33 -10.40
N TYR C 60 -0.15 -23.02 -9.88
CA TYR C 60 -0.86 -21.81 -10.24
C TYR C 60 -0.99 -20.89 -9.03
N ALA C 61 -0.81 -19.59 -9.26
CA ALA C 61 -1.13 -18.61 -8.25
C ALA C 61 -2.61 -18.69 -7.89
N GLU C 62 -2.92 -18.37 -6.63
CA GLU C 62 -4.28 -18.57 -6.15
C GLU C 62 -5.28 -17.67 -6.87
N LYS C 63 -4.86 -16.46 -7.26
CA LYS C 63 -5.77 -15.54 -7.93
C LYS C 63 -6.33 -16.14 -9.22
N PHE C 64 -5.54 -16.96 -9.92
CA PHE C 64 -5.92 -17.48 -11.21
C PHE C 64 -6.35 -18.94 -11.22
N GLN C 65 -6.10 -19.69 -10.14
CA GLN C 65 -6.37 -21.13 -10.19
C GLN C 65 -7.85 -21.39 -10.40
N GLY C 66 -8.13 -22.34 -11.30
CA GLY C 66 -9.46 -22.59 -11.81
C GLY C 66 -9.71 -21.92 -13.15
N ARG C 67 -9.02 -20.82 -13.44
CA ARG C 67 -9.20 -20.09 -14.69
C ARG C 67 -8.05 -20.25 -15.66
N VAL C 68 -6.86 -20.63 -15.19
CA VAL C 68 -5.68 -20.71 -16.06
C VAL C 68 -5.20 -22.15 -16.13
N THR C 69 -4.85 -22.57 -17.35
CA THR C 69 -4.22 -23.86 -17.60
C THR C 69 -2.98 -23.63 -18.43
N ILE C 70 -1.84 -24.13 -17.96
CA ILE C 70 -0.57 -24.07 -18.67
C ILE C 70 -0.21 -25.48 -19.14
N THR C 71 0.14 -25.60 -20.42
CA THR C 71 0.49 -26.87 -21.02
C THR C 71 1.79 -26.71 -21.78
N ALA C 72 2.43 -27.85 -22.09
CA ALA C 72 3.69 -27.86 -22.80
C ALA C 72 3.65 -28.88 -23.92
N ASP C 73 4.25 -28.52 -25.04
CA ASP C 73 4.41 -29.41 -26.19
C ASP C 73 5.91 -29.57 -26.42
N THR C 74 6.46 -30.69 -25.96
CA THR C 74 7.90 -30.90 -26.14
C THR C 74 8.24 -31.22 -27.60
N SER C 75 7.26 -31.61 -28.40
CA SER C 75 7.50 -31.83 -29.82
C SER C 75 7.89 -30.53 -30.52
N THR C 76 7.24 -29.42 -30.16
CA THR C 76 7.48 -28.16 -30.85
C THR C 76 8.18 -27.12 -29.97
N ASP C 77 8.67 -27.51 -28.80
CA ASP C 77 9.31 -26.58 -27.85
C ASP C 77 8.42 -25.36 -27.61
N THR C 78 7.14 -25.63 -27.30
CA THR C 78 6.18 -24.55 -27.11
C THR C 78 5.42 -24.76 -25.81
N VAL C 79 5.20 -23.67 -25.10
CA VAL C 79 4.36 -23.61 -23.91
C VAL C 79 3.13 -22.79 -24.24
N TYR C 80 1.98 -23.20 -23.69
CA TYR C 80 0.73 -22.50 -23.87
C TYR C 80 0.19 -22.06 -22.52
N MET C 81 -0.46 -20.90 -22.50
CA MET C 81 -1.19 -20.40 -21.35
C MET C 81 -2.62 -20.11 -21.80
N GLU C 82 -3.59 -20.52 -20.99
CA GLU C 82 -4.99 -20.46 -21.35
C GLU C 82 -5.77 -19.87 -20.19
N LEU C 83 -6.36 -18.70 -20.38
CA LEU C 83 -7.13 -18.03 -19.35
C LEU C 83 -8.59 -18.01 -19.78
N SER C 84 -9.48 -18.44 -18.89
CA SER C 84 -10.88 -18.64 -19.21
C SER C 84 -11.74 -17.71 -18.37
N SER C 85 -13.01 -17.60 -18.77
CA SER C 85 -13.97 -16.65 -18.20
C SER C 85 -13.34 -15.27 -18.07
N LEU C 86 -12.91 -14.74 -19.21
CA LEU C 86 -12.15 -13.48 -19.24
C LEU C 86 -13.00 -12.32 -18.73
N ARG C 87 -12.37 -11.46 -17.94
CA ARG C 87 -13.03 -10.31 -17.33
C ARG C 87 -12.19 -9.05 -17.59
N SER C 88 -12.72 -7.91 -17.15
CA SER C 88 -12.02 -6.64 -17.35
C SER C 88 -10.64 -6.64 -16.71
N GLU C 89 -10.48 -7.33 -15.58
CA GLU C 89 -9.18 -7.39 -14.91
C GLU C 89 -8.11 -8.06 -15.76
N ASP C 90 -8.50 -8.83 -16.77
CA ASP C 90 -7.54 -9.60 -17.55
C ASP C 90 -6.99 -8.83 -18.75
N THR C 91 -7.50 -7.65 -19.03
CA THR C 91 -6.84 -6.76 -19.98
C THR C 91 -5.44 -6.45 -19.45
N ALA C 92 -4.41 -6.92 -20.15
CA ALA C 92 -3.05 -6.87 -19.62
C ALA C 92 -2.09 -7.32 -20.71
N VAL C 93 -0.80 -7.17 -20.43
CA VAL C 93 0.25 -7.83 -21.19
C VAL C 93 0.62 -9.13 -20.47
N TYR C 94 0.88 -10.19 -21.23
CA TYR C 94 1.22 -11.49 -20.65
C TYR C 94 2.61 -11.90 -21.10
N PHE C 95 3.46 -12.22 -20.13
CA PHE C 95 4.84 -12.58 -20.40
C PHE C 95 5.08 -14.04 -20.07
N CYS C 96 5.87 -14.73 -20.89
CA CYS C 96 6.47 -15.98 -20.48
C CYS C 96 7.94 -15.73 -20.11
N ALA C 97 8.42 -16.47 -19.13
CA ALA C 97 9.73 -16.20 -18.54
C ALA C 97 10.47 -17.49 -18.28
N LYS C 98 11.75 -17.54 -18.73
CA LYS C 98 12.63 -18.69 -18.59
C LYS C 98 13.45 -18.58 -17.30
N PRO C 99 13.44 -19.59 -16.44
CA PRO C 99 14.30 -19.57 -15.25
C PRO C 99 15.76 -19.32 -15.59
N HIS C 100 16.39 -18.43 -14.83
CA HIS C 100 17.83 -18.17 -14.97
C HIS C 100 18.62 -19.29 -14.31
N CYS C 101 19.75 -19.68 -14.90
CA CYS C 101 20.56 -20.71 -14.27
C CYS C 101 22.03 -20.34 -14.20
N SER C 102 22.59 -20.48 -13.01
CA SER C 102 23.98 -20.20 -12.75
C SER C 102 24.79 -21.46 -12.49
N SER C 103 24.16 -22.64 -12.50
CA SER C 103 24.87 -23.86 -12.12
C SER C 103 25.74 -24.37 -13.27
N ARG C 104 26.56 -25.38 -12.97
CA ARG C 104 27.39 -26.00 -14.00
C ARG C 104 26.59 -27.01 -14.83
N THR C 105 25.61 -27.68 -14.21
CA THR C 105 24.70 -28.59 -14.90
C THR C 105 23.29 -28.07 -14.65
N CYS C 106 22.77 -27.36 -15.65
CA CYS C 106 21.47 -26.71 -15.58
C CYS C 106 20.38 -27.69 -15.99
N GLN C 107 19.92 -28.48 -15.03
CA GLN C 107 18.84 -29.43 -15.25
C GLN C 107 17.71 -29.16 -14.26
N ARG C 108 16.48 -29.24 -14.72
CA ARG C 108 15.31 -29.00 -13.87
C ARG C 108 15.38 -27.64 -13.18
N VAL C 109 15.79 -26.62 -13.93
CA VAL C 109 15.86 -25.26 -13.40
C VAL C 109 14.43 -24.77 -13.16
N SER C 110 14.03 -24.72 -11.89
CA SER C 110 12.65 -24.37 -11.55
C SER C 110 12.37 -22.88 -11.67
N GLY C 111 13.35 -22.02 -11.38
CA GLY C 111 13.10 -20.59 -11.33
C GLY C 111 12.54 -20.10 -10.01
N TYR C 112 12.42 -20.96 -9.00
CA TYR C 112 11.90 -20.53 -7.71
C TYR C 112 12.89 -19.67 -6.94
N TYR C 113 14.17 -19.75 -7.26
CA TYR C 113 15.21 -19.25 -6.36
C TYR C 113 16.09 -18.18 -6.97
N PHE C 114 16.49 -18.33 -8.25
CA PHE C 114 17.55 -17.52 -8.81
C PHE C 114 17.08 -16.64 -9.98
N GLY C 115 15.79 -16.28 -9.99
CA GLY C 115 15.28 -15.33 -10.96
C GLY C 115 15.09 -15.91 -12.35
N MET C 116 14.78 -15.02 -13.29
CA MET C 116 14.47 -15.37 -14.67
C MET C 116 15.11 -14.36 -15.60
N ASP C 117 15.99 -14.84 -16.49
CA ASP C 117 16.85 -13.94 -17.25
C ASP C 117 16.46 -13.77 -18.71
N VAL C 118 15.56 -14.59 -19.25
CA VAL C 118 15.07 -14.41 -20.61
C VAL C 118 13.54 -14.40 -20.59
N TRP C 119 12.95 -13.29 -21.01
CA TRP C 119 11.51 -13.12 -21.08
C TRP C 119 11.06 -13.00 -22.53
N GLY C 120 9.79 -13.35 -22.78
CA GLY C 120 9.20 -13.10 -24.08
C GLY C 120 8.83 -11.64 -24.26
N GLN C 121 8.51 -11.26 -25.51
CA GLN C 121 8.25 -9.85 -25.80
C GLN C 121 6.95 -9.36 -25.20
N GLY C 122 6.12 -10.25 -24.69
CA GLY C 122 4.80 -9.89 -24.19
C GLY C 122 3.72 -10.11 -25.23
N THR C 123 2.52 -10.44 -24.75
CA THR C 123 1.34 -10.58 -25.60
C THR C 123 0.27 -9.66 -25.03
N LEU C 124 -0.10 -8.65 -25.79
CA LEU C 124 -1.12 -7.72 -25.35
C LEU C 124 -2.49 -8.35 -25.48
N VAL C 125 -3.32 -8.19 -24.47
CA VAL C 125 -4.66 -8.76 -24.47
C VAL C 125 -5.64 -7.67 -24.04
N THR C 126 -6.68 -7.48 -24.82
CA THR C 126 -7.71 -6.50 -24.52
C THR C 126 -9.05 -7.20 -24.35
N VAL C 127 -9.70 -6.95 -23.23
CA VAL C 127 -10.99 -7.55 -22.90
C VAL C 127 -12.01 -6.42 -22.86
N SER C 128 -12.91 -6.42 -23.84
CA SER C 128 -13.95 -5.41 -23.90
C SER C 128 -15.16 -5.99 -24.61
N SER C 129 -16.35 -5.59 -24.14
CA SER C 129 -17.60 -6.04 -24.75
C SER C 129 -17.89 -5.37 -26.09
N ALA C 130 -17.11 -4.35 -26.46
CA ALA C 130 -17.34 -3.66 -27.72
C ALA C 130 -17.07 -4.58 -28.92
N SER C 131 -17.52 -4.13 -30.09
CA SER C 131 -17.29 -4.81 -31.35
C SER C 131 -16.56 -3.88 -32.31
N THR C 132 -16.06 -4.46 -33.39
CA THR C 132 -15.34 -3.70 -34.40
C THR C 132 -16.23 -2.60 -34.98
N LYS C 133 -15.66 -1.39 -35.09
CA LYS C 133 -16.35 -0.26 -35.72
C LYS C 133 -15.30 0.68 -36.29
N GLY C 134 -15.55 1.17 -37.49
CA GLY C 134 -14.66 2.11 -38.14
C GLY C 134 -14.88 3.53 -37.65
N PRO C 135 -13.87 4.37 -37.79
CA PRO C 135 -13.98 5.75 -37.32
C PRO C 135 -14.67 6.66 -38.31
N SER C 136 -15.30 7.70 -37.76
CA SER C 136 -15.69 8.88 -38.52
C SER C 136 -14.63 9.94 -38.36
N VAL C 137 -14.25 10.59 -39.46
CA VAL C 137 -13.16 11.54 -39.48
C VAL C 137 -13.74 12.94 -39.71
N PHE C 138 -13.45 13.85 -38.79
CA PHE C 138 -13.91 15.23 -38.81
C PHE C 138 -12.72 16.18 -38.88
N PRO C 139 -12.85 17.32 -39.55
CA PRO C 139 -11.73 18.28 -39.60
C PRO C 139 -11.56 19.01 -38.28
N LEU C 140 -10.30 19.27 -37.93
CA LEU C 140 -9.95 20.14 -36.83
C LEU C 140 -9.33 21.40 -37.41
N ALA C 141 -9.97 22.54 -37.18
CA ALA C 141 -9.56 23.82 -37.75
C ALA C 141 -9.97 24.94 -36.82
N PRO C 142 -9.12 25.97 -36.64
CA PRO C 142 -9.35 27.09 -35.71
C PRO C 142 -10.69 27.82 -35.91
N ALA C 153 -1.92 25.45 -37.19
CA ALA C 153 -2.39 24.21 -36.57
C ALA C 153 -3.66 23.67 -37.25
N LEU C 154 -3.53 22.52 -37.92
CA LEU C 154 -4.63 21.86 -38.64
C LEU C 154 -4.62 20.37 -38.31
N GLY C 155 -5.80 19.75 -38.28
CA GLY C 155 -5.81 18.35 -37.90
C GLY C 155 -7.12 17.64 -38.20
N CYS C 156 -7.12 16.34 -37.87
CA CYS C 156 -8.30 15.49 -37.99
C CYS C 156 -8.66 14.86 -36.66
N LEU C 157 -9.95 14.72 -36.41
CA LEU C 157 -10.47 13.98 -35.28
C LEU C 157 -10.93 12.62 -35.77
N VAL C 158 -10.28 11.56 -35.29
CA VAL C 158 -10.62 10.19 -35.63
C VAL C 158 -11.44 9.65 -34.46
N LYS C 159 -12.76 9.59 -34.62
CA LYS C 159 -13.67 9.45 -33.49
C LYS C 159 -14.36 8.10 -33.52
N ASP C 160 -14.42 7.46 -32.34
CA ASP C 160 -15.31 6.34 -32.08
C ASP C 160 -14.99 5.13 -32.95
N TYR C 161 -13.80 4.55 -32.77
CA TYR C 161 -13.39 3.35 -33.48
C TYR C 161 -13.03 2.26 -32.49
N PHE C 162 -13.07 1.00 -32.96
CA PHE C 162 -12.67 -0.13 -32.14
C PHE C 162 -12.26 -1.30 -33.01
N PRO C 163 -11.14 -1.98 -32.71
CA PRO C 163 -10.22 -1.59 -31.64
C PRO C 163 -8.97 -0.90 -32.17
N GLU C 164 -7.98 -0.68 -31.31
CA GLU C 164 -6.68 -0.26 -31.77
C GLU C 164 -6.11 -1.33 -32.72
N PRO C 165 -5.22 -0.94 -33.65
CA PRO C 165 -4.74 0.43 -33.82
C PRO C 165 -5.32 1.15 -35.03
N VAL C 166 -5.08 2.46 -35.06
CA VAL C 166 -5.32 3.29 -36.22
C VAL C 166 -3.99 3.90 -36.62
N THR C 167 -3.72 3.97 -37.92
CA THR C 167 -2.56 4.67 -38.43
C THR C 167 -3.01 5.90 -39.20
N VAL C 168 -2.29 7.00 -39.01
CA VAL C 168 -2.58 8.27 -39.66
C VAL C 168 -1.35 8.69 -40.45
N SER C 169 -1.56 9.10 -41.69
CA SER C 169 -0.51 9.70 -42.50
C SER C 169 -1.12 10.88 -43.24
N TRP C 170 -0.25 11.78 -43.71
CA TRP C 170 -0.69 13.04 -44.31
C TRP C 170 -0.16 13.14 -45.74
N ASN C 171 -1.07 13.41 -46.68
CA ASN C 171 -0.75 13.48 -48.11
C ASN C 171 -0.08 12.19 -48.58
N SER C 172 -0.60 11.06 -48.11
CA SER C 172 -0.07 9.74 -48.45
C SER C 172 1.41 9.63 -48.07
N GLY C 173 1.72 10.01 -46.83
CA GLY C 173 3.06 9.89 -46.31
C GLY C 173 4.07 10.88 -46.86
N ALA C 174 3.67 11.75 -47.78
CA ALA C 174 4.61 12.71 -48.34
C ALA C 174 4.85 13.91 -47.43
N LEU C 175 3.94 14.18 -46.51
CA LEU C 175 4.10 15.25 -45.53
C LEU C 175 4.34 14.61 -44.17
N THR C 176 5.50 14.91 -43.57
CA THR C 176 5.86 14.35 -42.28
C THR C 176 6.43 15.39 -41.31
N SER C 177 6.75 16.59 -41.76
CA SER C 177 7.26 17.62 -40.86
C SER C 177 6.10 18.29 -40.14
N GLY C 178 6.14 18.26 -38.80
CA GLY C 178 5.10 18.86 -38.00
C GLY C 178 3.92 17.96 -37.67
N VAL C 179 3.88 16.76 -38.25
CA VAL C 179 2.80 15.82 -37.96
C VAL C 179 2.93 15.29 -36.54
N HIS C 180 1.83 15.32 -35.78
CA HIS C 180 1.81 14.75 -34.43
C HIS C 180 0.48 14.03 -34.24
N THR C 181 0.53 12.69 -34.34
CA THR C 181 -0.60 11.85 -33.97
C THR C 181 -0.59 11.63 -32.45
N PHE C 182 -1.73 11.88 -31.82
CA PHE C 182 -1.77 11.69 -30.38
C PHE C 182 -2.32 10.31 -30.02
N PRO C 183 -1.84 9.70 -28.94
CA PRO C 183 -2.45 8.46 -28.46
C PRO C 183 -3.94 8.64 -28.21
N ALA C 184 -4.69 7.58 -28.49
CA ALA C 184 -6.14 7.64 -28.45
C ALA C 184 -6.66 7.67 -27.02
N VAL C 185 -7.81 8.30 -26.84
CA VAL C 185 -8.56 8.26 -25.60
C VAL C 185 -9.55 7.12 -25.67
N LEU C 186 -9.80 6.50 -24.52
CA LEU C 186 -10.75 5.39 -24.41
C LEU C 186 -11.98 5.91 -23.69
N GLN C 187 -13.03 6.21 -24.47
CA GLN C 187 -14.26 6.77 -23.92
C GLN C 187 -14.99 5.74 -23.05
N SER C 188 -15.90 6.24 -22.21
CA SER C 188 -16.71 5.35 -21.38
C SER C 188 -17.56 4.40 -22.22
N SER C 189 -17.80 4.74 -23.49
CA SER C 189 -18.59 3.94 -24.41
C SER C 189 -17.86 2.71 -24.93
N GLY C 190 -16.57 2.56 -24.61
CA GLY C 190 -15.76 1.46 -25.10
C GLY C 190 -15.07 1.72 -26.43
N LEU C 191 -15.27 2.90 -27.01
CA LEU C 191 -14.74 3.28 -28.32
C LEU C 191 -13.55 4.23 -28.16
N TYR C 192 -12.65 4.20 -29.14
CA TYR C 192 -11.46 5.04 -29.12
C TYR C 192 -11.64 6.27 -29.99
N SER C 193 -10.92 7.34 -29.64
CA SER C 193 -10.88 8.54 -30.46
C SER C 193 -9.51 9.19 -30.32
N LEU C 194 -8.87 9.50 -31.44
CA LEU C 194 -7.57 10.14 -31.42
C LEU C 194 -7.58 11.37 -32.33
N SER C 195 -6.60 12.24 -32.12
CA SER C 195 -6.38 13.40 -32.98
C SER C 195 -4.96 13.38 -33.53
N SER C 196 -4.81 13.95 -34.71
CA SER C 196 -3.53 14.09 -35.38
C SER C 196 -3.49 15.47 -36.03
N VAL C 197 -2.43 16.25 -35.73
CA VAL C 197 -2.37 17.63 -36.20
C VAL C 197 -1.05 17.88 -36.91
N VAL C 198 -1.08 18.84 -37.84
CA VAL C 198 0.10 19.30 -38.57
C VAL C 198 0.41 20.74 -38.15
N THR C 199 1.67 21.00 -37.86
CA THR C 199 2.07 22.30 -37.32
C THR C 199 2.68 23.18 -38.41
N GLN C 208 -0.32 23.21 -49.56
CA GLN C 208 -1.38 24.22 -49.53
C GLN C 208 -2.73 23.58 -49.24
N THR C 209 -2.83 22.27 -49.44
CA THR C 209 -3.98 21.47 -49.04
C THR C 209 -3.47 20.23 -48.33
N TYR C 210 -4.09 19.90 -47.19
CA TYR C 210 -3.65 18.81 -46.33
C TYR C 210 -4.76 17.80 -46.19
N ILE C 211 -4.44 16.53 -46.41
CA ILE C 211 -5.41 15.44 -46.44
C ILE C 211 -4.97 14.33 -45.49
N CYS C 212 -5.87 13.94 -44.59
CA CYS C 212 -5.66 12.78 -43.74
C CYS C 212 -5.73 11.48 -44.53
N ASN C 213 -4.87 10.54 -44.16
CA ASN C 213 -5.05 9.13 -44.53
C ASN C 213 -5.18 8.38 -43.21
N VAL C 214 -6.40 7.98 -42.89
CA VAL C 214 -6.71 7.24 -41.67
C VAL C 214 -6.96 5.79 -42.06
N ASN C 215 -6.18 4.87 -41.50
CA ASN C 215 -6.27 3.45 -41.81
C ASN C 215 -6.71 2.68 -40.58
N HIS C 216 -7.84 1.97 -40.69
CA HIS C 216 -8.33 1.09 -39.62
C HIS C 216 -8.45 -0.33 -40.17
N LYS C 217 -7.36 -1.09 -40.07
CA LYS C 217 -7.34 -2.48 -40.56
C LYS C 217 -8.47 -3.34 -40.01
N PRO C 218 -8.72 -3.40 -38.69
CA PRO C 218 -9.75 -4.33 -38.19
C PRO C 218 -11.11 -4.20 -38.85
N SER C 219 -11.52 -2.98 -39.25
CA SER C 219 -12.82 -2.76 -39.88
C SER C 219 -12.72 -2.62 -41.38
N ASN C 220 -11.51 -2.67 -41.95
CA ASN C 220 -11.29 -2.57 -43.38
C ASN C 220 -11.80 -1.23 -43.93
N THR C 221 -11.42 -0.15 -43.22
CA THR C 221 -11.83 1.21 -43.55
C THR C 221 -10.59 2.07 -43.72
N LYS C 222 -10.47 2.71 -44.89
CA LYS C 222 -9.52 3.77 -45.11
C LYS C 222 -10.29 5.04 -45.46
N VAL C 223 -10.02 6.12 -44.74
CA VAL C 223 -10.70 7.40 -44.94
C VAL C 223 -9.67 8.46 -45.28
N ASP C 224 -9.92 9.19 -46.38
CA ASP C 224 -9.07 10.29 -46.80
C ASP C 224 -9.88 11.58 -46.66
N LYS C 225 -9.42 12.47 -45.78
CA LYS C 225 -10.16 13.68 -45.42
C LYS C 225 -9.30 14.90 -45.68
N LYS C 226 -9.71 15.71 -46.65
CA LYS C 226 -9.00 16.93 -47.00
C LYS C 226 -9.48 18.07 -46.09
N VAL C 227 -8.55 18.70 -45.37
CA VAL C 227 -8.87 19.70 -44.36
C VAL C 227 -8.53 21.09 -44.88
N GLU C 228 -9.44 22.04 -44.66
CA GLU C 228 -9.17 23.45 -45.01
C GLU C 228 -9.04 24.33 -43.77
N ALA D 3 2.97 -9.15 -0.65
CA ALA D 3 3.79 -9.63 0.46
C ALA D 3 5.18 -8.99 0.43
N LEU D 4 5.49 -8.33 -0.69
CA LEU D 4 6.73 -7.58 -0.85
C LEU D 4 6.39 -6.13 -1.14
N THR D 5 6.79 -5.23 -0.24
CA THR D 5 6.38 -3.82 -0.29
C THR D 5 7.53 -2.96 -0.84
N GLN D 6 7.24 -2.21 -1.90
CA GLN D 6 8.19 -1.24 -2.41
C GLN D 6 7.60 0.16 -2.36
N PRO D 7 8.40 1.18 -2.12
CA PRO D 7 7.96 2.55 -2.37
C PRO D 7 7.53 2.72 -3.81
N PRO D 8 6.44 3.44 -4.06
CA PRO D 8 6.00 3.62 -5.45
C PRO D 8 7.00 4.37 -6.31
N SER D 9 7.69 5.36 -5.74
CA SER D 9 8.53 6.25 -6.53
C SER D 9 9.87 6.43 -5.85
N ALA D 10 10.89 6.70 -6.68
CA ALA D 10 12.20 7.12 -6.22
C ALA D 10 12.78 8.04 -7.30
N SER D 11 13.76 8.84 -6.90
CA SER D 11 14.32 9.81 -7.82
C SER D 11 15.78 10.05 -7.49
N GLY D 12 16.46 10.68 -8.45
CA GLY D 12 17.86 11.04 -8.32
C GLY D 12 18.25 11.83 -9.55
N SER D 13 19.46 12.38 -9.49
CA SER D 13 20.01 13.15 -10.58
C SER D 13 21.28 12.49 -11.10
N PRO D 14 21.65 12.74 -12.36
CA PRO D 14 22.80 12.03 -12.96
C PRO D 14 24.06 12.14 -12.12
N GLY D 15 24.72 11.00 -11.91
CA GLY D 15 25.88 10.90 -11.06
C GLY D 15 25.60 10.49 -9.63
N GLN D 16 24.35 10.67 -9.17
CA GLN D 16 23.96 10.37 -7.80
C GLN D 16 23.76 8.86 -7.62
N SER D 17 23.45 8.47 -6.38
CA SER D 17 23.08 7.10 -6.05
C SER D 17 21.65 7.10 -5.54
N VAL D 18 20.87 6.11 -5.96
CA VAL D 18 19.49 5.95 -5.52
C VAL D 18 19.34 4.53 -4.98
N THR D 19 18.57 4.39 -3.91
CA THR D 19 18.37 3.10 -3.28
C THR D 19 16.88 2.80 -3.25
N ILE D 20 16.53 1.58 -3.68
CA ILE D 20 15.15 1.11 -3.75
C ILE D 20 14.97 0.04 -2.69
N SER D 21 13.89 0.16 -1.93
CA SER D 21 13.62 -0.71 -0.79
C SER D 21 12.58 -1.77 -1.15
N CYS D 22 12.80 -2.99 -0.65
CA CYS D 22 11.89 -4.11 -0.88
C CYS D 22 11.74 -4.84 0.45
N THR D 23 10.64 -4.57 1.15
CA THR D 23 10.40 -5.10 2.49
C THR D 23 9.22 -6.06 2.46
N GLY D 24 9.43 -7.25 3.01
CA GLY D 24 8.41 -8.28 2.99
C GLY D 24 8.07 -8.93 4.33
N TYR D 32 14.78 -14.74 3.15
CA TYR D 32 14.85 -13.81 2.03
C TYR D 32 16.19 -13.89 1.31
N ASN D 33 16.73 -15.11 1.23
CA ASN D 33 18.00 -15.36 0.57
C ASN D 33 17.91 -15.39 -0.95
N PHE D 34 16.70 -15.38 -1.50
CA PHE D 34 16.48 -15.58 -2.92
C PHE D 34 15.75 -14.39 -3.54
N VAL D 35 16.06 -13.19 -3.07
CA VAL D 35 15.45 -11.99 -3.60
C VAL D 35 16.11 -11.63 -4.92
N SER D 36 15.30 -11.38 -5.94
CA SER D 36 15.78 -10.99 -7.26
C SER D 36 15.25 -9.60 -7.60
N TRP D 37 15.95 -8.92 -8.51
CA TRP D 37 15.62 -7.56 -8.90
C TRP D 37 15.51 -7.48 -10.42
N TYR D 38 14.46 -6.81 -10.90
CA TYR D 38 14.21 -6.64 -12.32
C TYR D 38 14.10 -5.15 -12.66
N GLN D 39 14.61 -4.79 -13.83
CA GLN D 39 14.43 -3.45 -14.40
C GLN D 39 13.57 -3.57 -15.65
N GLN D 40 12.58 -2.68 -15.78
CA GLN D 40 11.60 -2.77 -16.88
C GLN D 40 11.40 -1.41 -17.53
N HIS D 41 11.88 -1.27 -18.75
CA HIS D 41 11.63 -0.09 -19.55
C HIS D 41 10.24 -0.19 -20.20
N PRO D 42 9.62 0.96 -20.51
CA PRO D 42 8.25 0.95 -21.04
C PRO D 42 8.12 0.13 -22.32
N GLY D 43 7.08 -0.71 -22.36
CA GLY D 43 6.84 -1.58 -23.50
C GLY D 43 7.85 -2.69 -23.69
N LYS D 44 8.65 -3.01 -22.66
CA LYS D 44 9.67 -4.03 -22.77
C LYS D 44 9.50 -5.10 -21.69
N PRO D 45 9.99 -6.32 -21.92
CA PRO D 45 9.97 -7.33 -20.87
C PRO D 45 10.97 -6.98 -19.78
N PRO D 46 10.70 -7.35 -18.52
CA PRO D 46 11.65 -7.11 -17.45
C PRO D 46 13.02 -7.70 -17.74
N LYS D 47 14.05 -7.10 -17.14
CA LYS D 47 15.43 -7.53 -17.28
C LYS D 47 15.98 -7.86 -15.91
N LEU D 48 16.52 -9.08 -15.77
CA LEU D 48 17.05 -9.51 -14.48
C LEU D 48 18.29 -8.71 -14.15
N MET D 49 18.27 -8.05 -13.00
CA MET D 49 19.41 -7.24 -12.57
C MET D 49 20.18 -7.83 -11.42
N ILE D 50 19.50 -8.44 -10.45
CA ILE D 50 20.12 -9.06 -9.29
C ILE D 50 19.39 -10.37 -9.01
N TYR D 51 20.16 -11.42 -8.70
CA TYR D 51 19.64 -12.65 -8.16
C TYR D 51 20.42 -13.02 -6.91
N GLU D 52 19.73 -13.62 -5.94
CA GLU D 52 20.37 -14.02 -4.69
C GLU D 52 20.89 -12.81 -3.92
N VAL D 53 20.07 -11.75 -3.86
CA VAL D 53 20.29 -10.58 -3.01
C VAL D 53 21.37 -9.66 -3.58
N THR D 54 22.50 -10.24 -4.00
CA THR D 54 23.70 -9.45 -4.30
C THR D 54 24.35 -9.78 -5.63
N LYS D 55 23.98 -10.88 -6.29
CA LYS D 55 24.69 -11.34 -7.47
C LYS D 55 24.10 -10.72 -8.73
N ARG D 56 24.97 -10.41 -9.68
CA ARG D 56 24.61 -9.77 -10.94
C ARG D 56 24.68 -10.77 -12.07
N PRO D 57 23.63 -10.92 -12.88
CA PRO D 57 23.73 -11.77 -14.07
C PRO D 57 24.77 -11.26 -15.04
N SER D 58 25.10 -12.11 -16.01
CA SER D 58 26.00 -11.74 -17.09
C SER D 58 25.62 -10.40 -17.70
N GLY D 59 26.61 -9.51 -17.81
CA GLY D 59 26.45 -8.26 -18.54
C GLY D 59 25.88 -7.10 -17.74
N VAL D 60 25.53 -7.30 -16.48
CA VAL D 60 24.96 -6.23 -15.66
C VAL D 60 26.11 -5.47 -15.01
N PRO D 61 26.22 -4.14 -15.21
CA PRO D 61 27.37 -3.40 -14.67
C PRO D 61 27.38 -3.38 -13.16
N ASP D 62 28.58 -3.17 -12.61
CA ASP D 62 28.76 -3.21 -11.16
C ASP D 62 28.05 -2.08 -10.43
N ARG D 63 27.71 -0.97 -11.12
CA ARG D 63 27.06 0.13 -10.42
C ARG D 63 25.69 -0.25 -9.86
N PHE D 64 25.13 -1.40 -10.24
CA PHE D 64 23.96 -1.97 -9.59
C PHE D 64 24.44 -2.98 -8.54
N PHE D 65 24.12 -2.74 -7.28
CA PHE D 65 24.44 -3.69 -6.23
C PHE D 65 23.29 -3.78 -5.26
N GLY D 66 23.06 -4.99 -4.73
CA GLY D 66 21.99 -5.23 -3.79
C GLY D 66 22.47 -5.69 -2.43
N SER D 67 21.58 -5.62 -1.44
CA SER D 67 21.92 -6.00 -0.08
C SER D 67 20.63 -6.23 0.69
N LYS D 68 20.76 -6.75 1.91
CA LYS D 68 19.62 -6.99 2.76
C LYS D 68 19.98 -6.67 4.21
N SER D 69 18.96 -6.24 4.96
CA SER D 69 19.06 -6.05 6.40
C SER D 69 17.74 -6.51 6.99
N GLY D 70 17.74 -7.67 7.65
CA GLY D 70 16.53 -8.18 8.23
C GLY D 70 15.54 -8.63 7.17
N ASN D 71 14.38 -7.97 7.11
CA ASN D 71 13.36 -8.25 6.10
C ASN D 71 13.30 -7.20 5.00
N THR D 72 14.33 -6.35 4.88
CA THR D 72 14.41 -5.35 3.82
C THR D 72 15.60 -5.68 2.92
N ALA D 73 15.31 -6.00 1.66
CA ALA D 73 16.34 -6.09 0.64
C ALA D 73 16.39 -4.76 -0.11
N SER D 74 17.60 -4.36 -0.51
CA SER D 74 17.80 -3.05 -1.12
C SER D 74 18.54 -3.21 -2.45
N LEU D 75 18.19 -2.34 -3.39
CA LEU D 75 18.90 -2.21 -4.66
C LEU D 75 19.39 -0.77 -4.77
N THR D 76 20.69 -0.61 -5.00
CA THR D 76 21.28 0.72 -5.14
C THR D 76 21.75 0.89 -6.57
N VAL D 77 21.29 1.96 -7.22
CA VAL D 77 21.73 2.38 -8.53
C VAL D 77 22.73 3.49 -8.33
N SER D 78 24.00 3.23 -8.61
CA SER D 78 25.04 4.24 -8.52
C SER D 78 25.39 4.76 -9.91
N GLY D 79 26.00 5.94 -9.94
CA GLY D 79 26.32 6.61 -11.18
C GLY D 79 25.14 6.70 -12.13
N LEU D 80 24.03 7.20 -11.59
CA LEU D 80 22.75 7.20 -12.27
C LEU D 80 22.85 7.82 -13.67
N GLN D 81 22.24 7.14 -14.64
CA GLN D 81 22.18 7.58 -16.04
C GLN D 81 20.73 7.70 -16.49
N ALA D 82 20.53 8.38 -17.62
CA ALA D 82 19.18 8.60 -18.12
C ALA D 82 18.46 7.29 -18.43
N ASP D 83 19.14 6.35 -19.07
CA ASP D 83 18.48 5.08 -19.40
C ASP D 83 18.25 4.19 -18.18
N ASP D 84 18.68 4.61 -16.99
CA ASP D 84 18.29 3.94 -15.75
C ASP D 84 16.85 4.20 -15.36
N GLU D 85 16.20 5.19 -15.98
CA GLU D 85 14.79 5.47 -15.70
C GLU D 85 13.94 4.31 -16.19
N ALA D 86 13.17 3.73 -15.27
CA ALA D 86 12.46 2.47 -15.50
C ALA D 86 11.73 2.05 -14.24
N ASP D 87 10.96 0.97 -14.30
CA ASP D 87 10.34 0.38 -13.13
C ASP D 87 11.23 -0.73 -12.59
N TYR D 88 11.41 -0.74 -11.27
CA TYR D 88 12.25 -1.74 -10.63
C TYR D 88 11.38 -2.60 -9.74
N TYR D 89 11.37 -3.90 -10.03
CA TYR D 89 10.59 -4.86 -9.28
C TYR D 89 11.54 -5.80 -8.54
N CYS D 90 11.20 -6.09 -7.30
CA CYS D 90 11.85 -7.16 -6.54
C CYS D 90 10.94 -8.37 -6.52
N SER D 91 11.54 -9.54 -6.32
CA SER D 91 10.78 -10.79 -6.18
C SER D 91 11.46 -11.68 -5.15
N SER D 92 10.69 -12.60 -4.60
CA SER D 92 11.21 -13.56 -3.63
C SER D 92 10.48 -14.89 -3.81
N TYR D 93 11.05 -15.92 -3.20
CA TYR D 93 10.42 -17.23 -3.10
C TYR D 93 9.54 -17.24 -1.86
N ALA D 94 8.24 -17.50 -2.06
CA ALA D 94 7.27 -17.34 -0.99
C ALA D 94 6.44 -18.61 -0.81
N GLY D 95 5.98 -18.83 0.42
CA GLY D 95 5.00 -19.86 0.75
C GLY D 95 5.39 -21.28 0.40
N GLY D 96 6.65 -21.50 0.01
CA GLY D 96 7.05 -22.82 -0.44
C GLY D 96 6.40 -23.30 -1.71
N ASN D 97 5.73 -22.42 -2.45
CA ASN D 97 5.11 -22.88 -3.70
C ASN D 97 4.88 -21.75 -4.70
N SER D 98 5.64 -20.65 -4.65
CA SER D 98 5.30 -19.53 -5.51
C SER D 98 6.45 -18.54 -5.59
N VAL D 99 6.47 -17.81 -6.71
CA VAL D 99 7.23 -16.58 -6.84
C VAL D 99 6.27 -15.42 -6.56
N VAL D 100 6.72 -14.46 -5.75
CA VAL D 100 5.94 -13.27 -5.44
C VAL D 100 6.74 -12.05 -5.85
N PHE D 101 6.06 -11.08 -6.47
CA PHE D 101 6.68 -9.83 -6.92
C PHE D 101 6.33 -8.67 -6.01
N GLY D 102 7.29 -7.77 -5.82
CA GLY D 102 7.01 -6.49 -5.19
C GLY D 102 6.10 -5.64 -6.08
N GLY D 103 5.55 -4.59 -5.48
CA GLY D 103 4.65 -3.71 -6.23
C GLY D 103 5.34 -2.89 -7.29
N GLY D 104 6.65 -2.67 -7.16
CA GLY D 104 7.40 -1.93 -8.15
C GLY D 104 7.66 -0.48 -7.78
N THR D 105 8.86 0.00 -8.10
CA THR D 105 9.26 1.38 -7.83
C THR D 105 9.61 2.04 -9.15
N LYS D 106 8.92 3.13 -9.47
CA LYS D 106 9.31 3.94 -10.63
C LYS D 106 10.51 4.80 -10.26
N LEU D 107 11.58 4.67 -11.04
CA LEU D 107 12.79 5.47 -10.86
C LEU D 107 12.73 6.62 -11.85
N THR D 108 12.76 7.84 -11.33
CA THR D 108 12.85 9.05 -12.15
C THR D 108 14.27 9.60 -12.06
N VAL D 109 14.89 9.81 -13.21
CA VAL D 109 16.20 10.48 -13.29
C VAL D 109 15.97 11.93 -13.70
N LEU D 110 16.26 12.86 -12.79
CA LEU D 110 16.12 14.27 -13.12
C LEU D 110 17.21 14.70 -14.10
N GLY D 111 17.09 15.92 -14.60
CA GLY D 111 18.10 16.43 -15.52
C GLY D 111 17.52 17.08 -16.76
N GLN D 112 16.56 16.42 -17.41
CA GLN D 112 15.87 17.03 -18.53
C GLN D 112 15.22 18.33 -18.05
N PRO D 113 15.42 19.44 -18.76
CA PRO D 113 14.86 20.70 -18.27
C PRO D 113 13.34 20.67 -18.20
N LYS D 114 12.80 21.40 -17.24
CA LYS D 114 11.38 21.69 -17.18
C LYS D 114 10.96 22.36 -18.48
N ALA D 115 9.87 21.87 -19.06
CA ALA D 115 9.37 22.35 -20.35
C ALA D 115 7.87 22.56 -20.23
N ALA D 116 7.40 23.74 -20.61
CA ALA D 116 6.00 24.06 -20.42
C ALA D 116 5.18 23.50 -21.59
N PRO D 117 3.93 23.11 -21.31
CA PRO D 117 3.09 22.53 -22.37
C PRO D 117 2.71 23.54 -23.45
N SER D 118 2.69 23.07 -24.69
CA SER D 118 2.02 23.76 -25.79
C SER D 118 0.60 23.22 -25.89
N VAL D 119 -0.37 24.13 -25.92
CA VAL D 119 -1.79 23.80 -25.84
C VAL D 119 -2.48 24.26 -27.11
N THR D 120 -3.33 23.39 -27.67
CA THR D 120 -4.16 23.75 -28.81
C THR D 120 -5.58 23.26 -28.54
N LEU D 121 -6.55 24.17 -28.63
CA LEU D 121 -7.96 23.85 -28.47
C LEU D 121 -8.65 23.96 -29.82
N PHE D 122 -9.50 22.98 -30.14
CA PHE D 122 -10.23 22.95 -31.40
C PHE D 122 -11.73 22.96 -31.14
N PRO D 123 -12.50 23.76 -31.88
CA PRO D 123 -13.95 23.76 -31.72
C PRO D 123 -14.54 22.53 -32.40
N PRO D 124 -15.82 22.24 -32.18
CA PRO D 124 -16.45 21.16 -32.93
C PRO D 124 -16.55 21.52 -34.40
N SER D 125 -16.50 20.50 -35.24
CA SER D 125 -16.65 20.71 -36.67
C SER D 125 -18.12 20.90 -37.02
N SER D 126 -18.36 21.67 -38.08
CA SER D 126 -19.71 21.76 -38.62
C SER D 126 -20.23 20.38 -39.04
N GLU D 127 -19.37 19.56 -39.65
CA GLU D 127 -19.75 18.19 -39.97
C GLU D 127 -20.28 17.45 -38.74
N GLU D 128 -19.52 17.49 -37.63
CA GLU D 128 -19.91 16.70 -36.46
C GLU D 128 -21.21 17.22 -35.86
N LEU D 129 -21.38 18.54 -35.81
CA LEU D 129 -22.63 19.10 -35.35
C LEU D 129 -23.82 18.60 -36.17
N GLN D 130 -23.60 18.36 -37.47
CA GLN D 130 -24.65 17.78 -38.30
C GLN D 130 -24.99 16.36 -37.85
N ALA D 131 -24.06 15.66 -37.21
CA ALA D 131 -24.35 14.37 -36.59
C ALA D 131 -24.92 14.51 -35.18
N ASN D 132 -25.38 15.70 -34.82
CA ASN D 132 -25.92 15.99 -33.48
C ASN D 132 -24.94 15.62 -32.36
N LYS D 133 -23.65 15.88 -32.62
CA LYS D 133 -22.59 15.69 -31.63
C LYS D 133 -21.68 16.91 -31.65
N ALA D 134 -20.95 17.11 -30.55
CA ALA D 134 -19.95 18.18 -30.45
C ALA D 134 -18.78 17.70 -29.61
N THR D 135 -17.57 17.83 -30.15
CA THR D 135 -16.35 17.44 -29.44
C THR D 135 -15.38 18.61 -29.44
N LEU D 136 -15.02 19.08 -28.24
CA LEU D 136 -13.91 20.01 -28.06
C LEU D 136 -12.64 19.20 -27.79
N VAL D 137 -11.61 19.43 -28.59
CA VAL D 137 -10.36 18.67 -28.51
C VAL D 137 -9.28 19.60 -27.98
N CYS D 138 -8.66 19.24 -26.86
CA CYS D 138 -7.56 20.00 -26.27
C CYS D 138 -6.30 19.14 -26.30
N LEU D 139 -5.35 19.52 -27.14
CA LEU D 139 -4.13 18.77 -27.37
C LEU D 139 -2.97 19.43 -26.65
N ILE D 140 -2.27 18.65 -25.83
CA ILE D 140 -1.22 19.11 -24.92
C ILE D 140 0.08 18.40 -25.29
N SER D 141 1.11 19.17 -25.61
CA SER D 141 2.37 18.59 -26.08
C SER D 141 3.57 19.28 -25.44
N ASP D 142 4.72 18.61 -25.55
CA ASP D 142 6.04 19.19 -25.29
C ASP D 142 6.21 19.65 -23.84
N PHE D 143 5.65 18.92 -22.89
CA PHE D 143 5.81 19.28 -21.49
C PHE D 143 6.63 18.23 -20.74
N TYR D 144 7.50 18.70 -19.84
CA TYR D 144 8.32 17.84 -18.99
C TYR D 144 8.42 18.55 -17.65
N PRO D 145 8.21 17.86 -16.52
CA PRO D 145 7.91 16.43 -16.38
C PRO D 145 6.54 16.02 -16.94
N GLY D 146 6.27 14.72 -16.95
CA GLY D 146 5.11 14.19 -17.64
C GLY D 146 3.85 14.04 -16.82
N ALA D 147 3.44 15.11 -16.15
CA ALA D 147 2.18 15.15 -15.42
C ALA D 147 1.54 16.51 -15.64
N VAL D 148 0.27 16.51 -16.04
CA VAL D 148 -0.52 17.73 -16.11
C VAL D 148 -1.92 17.42 -15.56
N THR D 149 -2.63 18.49 -15.18
CA THR D 149 -4.03 18.41 -14.80
C THR D 149 -4.83 19.35 -15.68
N VAL D 150 -5.97 18.87 -16.17
CA VAL D 150 -6.78 19.60 -17.13
C VAL D 150 -8.12 19.95 -16.48
N ALA D 151 -8.57 21.18 -16.70
CA ALA D 151 -9.85 21.65 -16.19
C ALA D 151 -10.53 22.44 -17.30
N TRP D 152 -11.83 22.18 -17.50
CA TRP D 152 -12.61 22.84 -18.53
C TRP D 152 -13.57 23.84 -17.91
N LYS D 153 -13.80 24.95 -18.60
CA LYS D 153 -14.72 25.99 -18.17
C LYS D 153 -15.76 26.26 -19.26
N ALA D 154 -17.04 26.27 -18.86
CA ALA D 154 -18.13 26.73 -19.72
C ALA D 154 -18.36 28.20 -19.41
N ASP D 155 -18.04 29.08 -20.36
CA ASP D 155 -17.89 30.51 -20.08
C ASP D 155 -16.85 30.65 -18.98
N SER D 156 -17.28 31.07 -17.79
CA SER D 156 -16.37 31.19 -16.65
C SER D 156 -16.68 30.19 -15.54
N SER D 157 -17.51 29.17 -15.82
CA SER D 157 -17.90 28.19 -14.82
C SER D 157 -17.34 26.82 -15.17
N PRO D 158 -16.84 26.06 -14.19
CA PRO D 158 -16.23 24.77 -14.51
C PRO D 158 -17.27 23.78 -14.97
N VAL D 159 -16.83 22.85 -15.82
CA VAL D 159 -17.67 21.78 -16.32
C VAL D 159 -16.89 20.48 -16.23
N LYS D 160 -17.42 19.52 -15.47
CA LYS D 160 -16.74 18.25 -15.25
C LYS D 160 -17.44 17.06 -15.91
N ALA D 161 -18.66 17.24 -16.42
CA ALA D 161 -19.36 16.18 -17.12
C ALA D 161 -18.96 16.16 -18.58
N GLY D 162 -18.63 14.97 -19.09
CA GLY D 162 -18.26 14.81 -20.48
C GLY D 162 -16.78 14.94 -20.78
N VAL D 163 -15.94 15.00 -19.75
CA VAL D 163 -14.50 15.20 -19.92
C VAL D 163 -13.81 13.85 -19.85
N GLU D 164 -12.99 13.55 -20.86
CA GLU D 164 -12.14 12.37 -20.87
C GLU D 164 -10.74 12.81 -21.26
N THR D 165 -9.79 12.61 -20.35
CA THR D 165 -8.40 13.02 -20.57
C THR D 165 -7.55 11.77 -20.69
N THR D 166 -6.68 11.73 -21.70
CA THR D 166 -5.80 10.59 -21.81
C THR D 166 -4.70 10.65 -20.76
N THR D 167 -3.98 9.59 -20.68
CA THR D 167 -2.83 9.45 -19.82
C THR D 167 -1.63 10.15 -20.45
N PRO D 168 -0.68 10.62 -19.64
CA PRO D 168 0.54 11.20 -20.21
C PRO D 168 1.36 10.13 -20.94
N SER D 169 1.78 10.47 -22.15
CA SER D 169 2.57 9.58 -22.98
C SER D 169 3.86 10.30 -23.37
N LYS D 170 4.98 9.60 -23.26
CA LYS D 170 6.27 10.16 -23.62
C LYS D 170 6.36 10.30 -25.13
N GLN D 171 6.80 11.46 -25.60
CA GLN D 171 6.97 11.70 -27.03
C GLN D 171 8.34 11.20 -27.49
N SER D 172 8.52 11.18 -28.81
CA SER D 172 9.77 10.69 -29.38
C SER D 172 10.95 11.61 -29.04
N ASN D 173 10.68 12.87 -28.69
CA ASN D 173 11.72 13.82 -28.29
C ASN D 173 11.93 13.86 -26.79
N ASN D 174 11.41 12.86 -26.06
CA ASN D 174 11.53 12.66 -24.61
C ASN D 174 10.72 13.65 -23.79
N LYS D 175 9.98 14.56 -24.42
CA LYS D 175 8.96 15.33 -23.72
C LYS D 175 7.65 14.54 -23.74
N TYR D 176 6.59 15.11 -23.18
CA TYR D 176 5.36 14.36 -22.98
C TYR D 176 4.18 14.97 -23.75
N ALA D 177 3.16 14.13 -23.94
CA ALA D 177 1.95 14.52 -24.64
C ALA D 177 0.74 13.99 -23.89
N ALA D 178 -0.36 14.72 -24.00
CA ALA D 178 -1.65 14.31 -23.46
C ALA D 178 -2.73 14.97 -24.28
N SER D 179 -3.95 14.46 -24.14
CA SER D 179 -5.09 15.05 -24.83
C SER D 179 -6.34 14.88 -23.98
N SER D 180 -7.21 15.86 -24.02
CA SER D 180 -8.46 15.81 -23.27
C SER D 180 -9.60 16.21 -24.19
N TYR D 181 -10.71 15.50 -24.06
CA TYR D 181 -11.87 15.64 -24.93
C TYR D 181 -13.07 16.03 -24.08
N LEU D 182 -13.82 17.02 -24.55
CA LEU D 182 -15.05 17.44 -23.89
C LEU D 182 -16.21 17.22 -24.86
N SER D 183 -17.11 16.31 -24.52
CA SER D 183 -18.24 15.97 -25.38
C SER D 183 -19.46 16.78 -24.96
N LEU D 184 -20.04 17.52 -25.89
CA LEU D 184 -21.18 18.38 -25.62
C LEU D 184 -22.30 18.05 -26.60
N THR D 185 -23.52 18.37 -26.19
CA THR D 185 -24.59 18.48 -27.18
C THR D 185 -24.35 19.74 -28.00
N PRO D 186 -24.77 19.75 -29.26
CA PRO D 186 -24.65 20.98 -30.06
C PRO D 186 -25.23 22.20 -29.34
N GLU D 187 -26.34 22.01 -28.62
CA GLU D 187 -26.98 23.13 -27.94
C GLU D 187 -26.09 23.71 -26.85
N GLN D 188 -25.51 22.85 -26.02
CA GLN D 188 -24.56 23.32 -25.01
C GLN D 188 -23.45 24.15 -25.65
N TRP D 189 -22.90 23.67 -26.76
CA TRP D 189 -21.83 24.38 -27.44
C TRP D 189 -22.27 25.78 -27.85
N LYS D 190 -23.43 25.90 -28.51
CA LYS D 190 -23.89 27.21 -28.97
C LYS D 190 -24.49 28.05 -27.85
N SER D 191 -24.84 27.43 -26.72
CA SER D 191 -25.49 28.15 -25.63
C SER D 191 -24.54 29.10 -24.92
N HIS D 192 -23.24 28.82 -24.94
CA HIS D 192 -22.25 29.56 -24.18
C HIS D 192 -21.48 30.53 -25.07
N ARG D 193 -20.92 31.56 -24.45
CA ARG D 193 -20.07 32.49 -25.18
C ARG D 193 -18.76 31.84 -25.59
N SER D 194 -18.26 30.91 -24.77
CA SER D 194 -16.90 30.41 -24.92
C SER D 194 -16.76 29.12 -24.12
N TYR D 195 -15.72 28.35 -24.47
CA TYR D 195 -15.27 27.21 -23.69
C TYR D 195 -13.75 27.27 -23.63
N SER D 196 -13.20 26.99 -22.45
CA SER D 196 -11.76 27.07 -22.24
C SER D 196 -11.20 25.77 -21.70
N CYS D 197 -10.09 25.33 -22.28
CA CYS D 197 -9.28 24.26 -21.74
C CYS D 197 -8.07 24.89 -21.05
N GLN D 198 -7.91 24.64 -19.76
CA GLN D 198 -6.77 25.18 -19.02
C GLN D 198 -5.96 24.02 -18.45
N VAL D 199 -4.67 24.01 -18.76
CA VAL D 199 -3.76 22.94 -18.39
C VAL D 199 -2.81 23.47 -17.33
N THR D 200 -2.72 22.78 -16.20
CA THR D 200 -1.80 23.12 -15.13
C THR D 200 -0.60 22.19 -15.17
N HIS D 201 0.59 22.76 -15.29
CA HIS D 201 1.84 22.02 -15.33
C HIS D 201 2.80 22.65 -14.34
N GLU D 202 3.10 21.93 -13.25
CA GLU D 202 4.05 22.39 -12.27
C GLU D 202 3.65 23.75 -11.69
N GLY D 203 2.38 23.84 -11.27
CA GLY D 203 1.89 25.02 -10.60
C GLY D 203 1.58 26.20 -11.51
N SER D 204 1.92 26.14 -12.79
CA SER D 204 1.60 27.21 -13.73
C SER D 204 0.61 26.71 -14.78
N THR D 205 -0.35 27.56 -15.14
CA THR D 205 -1.50 27.16 -15.93
C THR D 205 -1.46 27.85 -17.29
N VAL D 206 -1.70 27.06 -18.33
CA VAL D 206 -1.86 27.57 -19.69
C VAL D 206 -3.33 27.42 -20.06
N GLU D 207 -3.87 28.39 -20.79
CA GLU D 207 -5.28 28.39 -21.11
C GLU D 207 -5.51 28.72 -22.57
N LYS D 208 -6.43 27.99 -23.21
CA LYS D 208 -6.87 28.27 -24.56
C LYS D 208 -8.39 28.32 -24.58
N THR D 209 -8.92 29.17 -25.47
CA THR D 209 -10.36 29.40 -25.54
C THR D 209 -10.82 29.39 -26.98
N VAL D 210 -12.01 28.84 -27.21
CA VAL D 210 -12.67 28.87 -28.51
C VAL D 210 -14.11 29.31 -28.28
N ALA D 211 -14.72 29.83 -29.34
CA ALA D 211 -16.08 30.35 -29.27
C ALA D 211 -16.86 29.94 -30.50
N PRO D 212 -18.19 29.78 -30.38
CA PRO D 212 -19.08 29.54 -31.53
C PRO D 212 -19.20 30.77 -32.44
#